data_4NRZ
#
_entry.id   4NRZ
#
_cell.length_a   60.160
_cell.length_b   118.873
_cell.length_c   80.033
_cell.angle_alpha   90.00
_cell.angle_beta   96.80
_cell.angle_gamma   90.00
#
_symmetry.space_group_name_H-M   'P 1 21 1'
#
loop_
_entity.id
_entity.type
_entity.pdbx_description
1 polymer 'M66.6 HEAVY CHAIN'
2 polymer 'M66.6 LIGHT CHAIN'
3 non-polymer 'ZINC ION'
4 water water
#
loop_
_entity_poly.entity_id
_entity_poly.type
_entity_poly.pdbx_seq_one_letter_code
_entity_poly.pdbx_strand_id
1 'polypeptide(L)'
;QVQLVQSGAEVKKPGESLKISCKVSGYNFASEWIGWVRQMPGKGLEWMGIIYPGDSDTKYSPSFQGQVIISADKSINTAY
LQWSSLKASDTAIYYCARQNHYGSGSYFYRTAYYYAMDVWGQGTTVTVSSASTKGPSVFPLAPSSKSTSGGTAALGCLVK
DYFPEPVTVSWNSGALTSGVHTFPAVLQSSGLYSLSSVVTVPSSSLGTQTYICNVNHKPSNTKVDKKVEPKSCD
;
H,A
2 'polypeptide(L)'
;DIQLTQSPSSLSASLGDKVTITCRASQHIKKYLNWYQQKPGKAPKLLIYGALNLQSGVPSRFSGRGSGTDFTLTISSLQP
EDFATYYCQQSYSTPFTFGPGTKVDIKRTVAAPSVFIFPPSDEQLKSGTASVVCLLNNFYPREAKVQWKVDNALQSGNSQ
ESVTEQDSKDSTYSLSSTLTLSKADYEKHKVYACEVTHQGLSSPVTKSFNRGE
;
L,B
#
loop_
_chem_comp.id
_chem_comp.type
_chem_comp.name
_chem_comp.formula
ZN non-polymer 'ZINC ION' 'Zn 2'
#
# COMPACT_ATOMS: atom_id res chain seq x y z
N GLN A 1 -15.19 -27.64 0.20
CA GLN A 1 -14.83 -28.25 -1.11
C GLN A 1 -13.63 -29.19 -0.94
N VAL A 2 -12.74 -29.19 -1.92
CA VAL A 2 -11.54 -30.02 -1.88
C VAL A 2 -10.47 -29.36 -1.02
N GLN A 3 -9.75 -30.16 -0.26
CA GLN A 3 -8.79 -29.63 0.70
C GLN A 3 -7.62 -30.59 0.87
N LEU A 4 -6.41 -30.06 0.77
CA LEU A 4 -5.19 -30.82 0.99
C LEU A 4 -4.50 -30.26 2.23
N VAL A 5 -4.25 -31.13 3.19
CA VAL A 5 -3.68 -30.75 4.49
C VAL A 5 -2.41 -31.54 4.74
N GLN A 6 -1.28 -30.83 4.82
CA GLN A 6 0.03 -31.46 4.96
C GLN A 6 0.50 -31.45 6.40
N SER A 7 1.35 -32.42 6.74
CA SER A 7 1.95 -32.46 8.07
C SER A 7 2.79 -31.20 8.32
N GLY A 8 3.27 -31.06 9.56
CA GLY A 8 3.88 -29.82 9.99
C GLY A 8 5.37 -29.76 9.65
N ALA A 9 5.97 -28.61 9.93
CA ALA A 9 7.38 -28.37 9.63
C ALA A 9 8.25 -29.38 10.38
N GLU A 10 9.38 -29.72 9.80
CA GLU A 10 10.24 -30.76 10.36
C GLU A 10 11.65 -30.24 10.39
N VAL A 11 12.35 -30.52 11.49
CA VAL A 11 13.75 -30.15 11.64
C VAL A 11 14.50 -31.42 11.95
N LYS A 12 15.42 -31.78 11.07
CA LYS A 12 16.09 -33.08 11.15
C LYS A 12 17.58 -32.89 10.95
N LYS A 13 18.34 -33.90 11.34
CA LYS A 13 19.78 -33.92 11.12
C LYS A 13 20.07 -34.81 9.94
N PRO A 14 21.17 -34.55 9.22
CA PRO A 14 21.51 -35.37 8.06
C PRO A 14 21.70 -36.83 8.44
N GLY A 15 21.16 -37.74 7.63
CA GLY A 15 21.24 -39.17 7.90
C GLY A 15 20.01 -39.74 8.55
N GLU A 16 19.19 -38.87 9.13
CA GLU A 16 17.92 -39.26 9.72
C GLU A 16 16.92 -39.55 8.60
N SER A 17 15.90 -40.33 8.91
CA SER A 17 14.83 -40.60 7.94
C SER A 17 13.67 -39.64 8.22
N LEU A 18 12.78 -39.51 7.25
CA LEU A 18 11.64 -38.61 7.40
C LEU A 18 10.55 -39.05 6.44
N LYS A 19 9.31 -38.91 6.90
CA LYS A 19 8.12 -39.22 6.13
C LYS A 19 7.11 -38.10 6.39
N ILE A 20 6.77 -37.34 5.35
CA ILE A 20 5.78 -36.28 5.50
C ILE A 20 4.50 -36.69 4.78
N SER A 21 3.37 -36.08 5.16
CA SER A 21 2.09 -36.59 4.71
C SER A 21 1.21 -35.49 4.13
N CYS A 22 0.21 -35.90 3.37
CA CYS A 22 -0.79 -35.00 2.86
C CYS A 22 -2.13 -35.71 2.92
N LYS A 23 -3.04 -35.20 3.74
CA LYS A 23 -4.35 -35.80 3.89
C LYS A 23 -5.36 -35.01 3.09
N VAL A 24 -6.15 -35.72 2.30
CA VAL A 24 -7.10 -35.07 1.42
C VAL A 24 -8.52 -35.27 1.89
N SER A 25 -9.41 -34.38 1.47
CA SER A 25 -10.82 -34.47 1.74
C SER A 25 -11.54 -33.82 0.56
N GLY A 26 -12.78 -34.23 0.32
CA GLY A 26 -13.64 -33.56 -0.63
C GLY A 26 -13.68 -34.16 -2.03
N TYR A 27 -13.02 -35.29 -2.22
CA TYR A 27 -13.06 -35.99 -3.50
C TYR A 27 -12.63 -37.45 -3.35
N ASN A 28 -12.74 -38.24 -4.43
CA ASN A 28 -12.37 -39.66 -4.38
C ASN A 28 -10.86 -39.84 -4.53
N PHE A 29 -10.19 -40.06 -3.40
CA PHE A 29 -8.74 -40.09 -3.34
C PHE A 29 -8.16 -41.17 -4.26
N ALA A 30 -8.86 -42.29 -4.40
CA ALA A 30 -8.33 -43.44 -5.11
C ALA A 30 -8.29 -43.25 -6.62
N SER A 31 -9.12 -42.35 -7.14
CA SER A 31 -9.31 -42.21 -8.58
C SER A 31 -8.65 -40.99 -9.23
N GLU A 32 -7.76 -40.30 -8.49
CA GLU A 32 -7.08 -39.10 -9.00
C GLU A 32 -5.56 -39.18 -8.81
N TRP A 33 -4.79 -38.69 -9.77
CA TRP A 33 -3.35 -38.59 -9.55
C TRP A 33 -3.10 -37.48 -8.54
N ILE A 34 -2.15 -37.73 -7.64
CA ILE A 34 -1.74 -36.75 -6.65
C ILE A 34 -0.20 -36.78 -6.58
N GLY A 35 0.42 -35.62 -6.36
CA GLY A 35 1.87 -35.54 -6.43
C GLY A 35 2.56 -34.50 -5.57
N TRP A 36 3.90 -34.52 -5.65
CA TRP A 36 4.74 -33.72 -4.80
C TRP A 36 5.64 -32.78 -5.59
N VAL A 37 5.76 -31.54 -5.10
CA VAL A 37 6.57 -30.53 -5.74
C VAL A 37 7.50 -29.94 -4.69
N ARG A 38 8.77 -29.80 -5.07
CA ARG A 38 9.78 -29.22 -4.22
C ARG A 38 10.11 -27.84 -4.71
N GLN A 39 10.35 -26.96 -3.75
CA GLN A 39 10.78 -25.61 -4.03
C GLN A 39 11.87 -25.25 -3.03
N MET A 40 13.12 -25.24 -3.48
CA MET A 40 14.20 -24.87 -2.58
C MET A 40 14.16 -23.34 -2.36
N PRO A 41 14.77 -22.86 -1.26
CA PRO A 41 14.62 -21.45 -0.90
C PRO A 41 15.11 -20.48 -1.97
N GLY A 42 14.20 -19.62 -2.43
CA GLY A 42 14.52 -18.61 -3.44
C GLY A 42 14.51 -19.09 -4.88
N LYS A 43 14.24 -20.37 -5.09
CA LYS A 43 14.29 -20.93 -6.43
C LYS A 43 12.93 -21.43 -6.91
N GLY A 44 12.89 -21.96 -8.13
CA GLY A 44 11.63 -22.35 -8.73
C GLY A 44 11.12 -23.71 -8.28
N LEU A 45 10.02 -24.11 -8.90
CA LEU A 45 9.36 -25.37 -8.60
C LEU A 45 10.06 -26.52 -9.27
N GLU A 46 10.16 -27.65 -8.56
CA GLU A 46 10.64 -28.91 -9.17
C GLU A 46 9.61 -30.01 -8.97
N TRP A 47 9.07 -30.53 -10.06
CA TRP A 47 8.16 -31.67 -10.04
C TRP A 47 8.93 -32.91 -9.62
N MET A 48 8.43 -33.62 -8.62
CA MET A 48 9.13 -34.78 -8.08
C MET A 48 8.53 -36.10 -8.59
N GLY A 49 7.20 -36.20 -8.54
CA GLY A 49 6.49 -37.40 -8.94
C GLY A 49 5.04 -37.43 -8.52
N ILE A 50 4.27 -38.33 -9.12
CA ILE A 50 2.86 -38.49 -8.83
C ILE A 50 2.57 -39.96 -8.61
N ILE A 51 1.50 -40.21 -7.89
CA ILE A 51 1.01 -41.56 -7.65
C ILE A 51 -0.50 -41.61 -7.88
N TYR A 52 -0.97 -42.74 -8.40
CA TYR A 52 -2.37 -43.04 -8.56
C TYR A 52 -2.74 -44.07 -7.48
N PRO A 53 -3.36 -43.61 -6.38
CA PRO A 53 -3.60 -44.47 -5.21
C PRO A 53 -4.44 -45.71 -5.50
N GLY A 54 -5.28 -45.66 -6.54
CA GLY A 54 -6.08 -46.80 -6.95
C GLY A 54 -5.24 -48.05 -7.20
N ASP A 55 -4.32 -47.97 -8.18
CA ASP A 55 -3.46 -49.11 -8.55
C ASP A 55 -1.99 -48.90 -8.14
N SER A 56 -1.73 -47.83 -7.37
CA SER A 56 -0.39 -47.52 -6.85
C SER A 56 0.68 -47.32 -7.91
N ASP A 57 0.26 -46.96 -9.12
CA ASP A 57 1.20 -46.66 -10.18
C ASP A 57 1.85 -45.32 -9.85
N THR A 58 3.17 -45.25 -10.00
CA THR A 58 3.92 -44.07 -9.64
C THR A 58 4.78 -43.65 -10.82
N LYS A 59 4.93 -42.34 -10.99
CA LYS A 59 5.83 -41.80 -11.99
C LYS A 59 6.71 -40.74 -11.35
N TYR A 60 8.01 -40.93 -11.49
CA TYR A 60 9.02 -40.10 -10.82
C TYR A 60 9.86 -39.28 -11.81
N SER A 61 10.42 -38.16 -11.38
CA SER A 61 11.49 -37.54 -12.14
C SER A 61 12.76 -38.34 -11.88
N PRO A 62 13.58 -38.57 -12.92
CA PRO A 62 14.83 -39.33 -12.70
C PRO A 62 15.75 -38.68 -11.67
N SER A 63 15.61 -37.38 -11.47
CA SER A 63 16.42 -36.67 -10.48
C SER A 63 16.06 -37.11 -9.06
N PHE A 64 14.84 -37.59 -8.87
CA PHE A 64 14.36 -37.96 -7.53
C PHE A 64 14.18 -39.45 -7.36
N GLN A 65 14.20 -40.18 -8.48
CA GLN A 65 14.15 -41.64 -8.46
C GLN A 65 15.34 -42.22 -7.67
N GLY A 66 15.04 -43.00 -6.64
CA GLY A 66 16.06 -43.58 -5.78
C GLY A 66 16.42 -42.76 -4.57
N GLN A 67 16.04 -41.47 -4.56
CA GLN A 67 16.32 -40.60 -3.43
C GLN A 67 15.14 -40.55 -2.47
N VAL A 68 13.95 -40.72 -3.05
CA VAL A 68 12.71 -40.66 -2.29
C VAL A 68 11.73 -41.74 -2.71
N ILE A 69 10.67 -41.90 -1.92
CA ILE A 69 9.58 -42.80 -2.23
C ILE A 69 8.27 -42.08 -2.03
N ILE A 70 7.41 -42.10 -3.04
CA ILE A 70 6.06 -41.60 -2.90
C ILE A 70 5.18 -42.84 -2.72
N SER A 71 4.23 -42.73 -1.81
CA SER A 71 3.39 -43.86 -1.45
C SER A 71 2.08 -43.29 -0.95
N ALA A 72 1.06 -44.13 -0.87
CA ALA A 72 -0.25 -43.67 -0.41
C ALA A 72 -0.96 -44.78 0.34
N ASP A 73 -1.86 -44.42 1.24
CA ASP A 73 -2.76 -45.36 1.89
C ASP A 73 -4.17 -44.87 1.70
N LYS A 74 -4.84 -45.44 0.69
CA LYS A 74 -6.20 -45.10 0.32
C LYS A 74 -7.18 -45.34 1.48
N SER A 75 -6.80 -46.24 2.39
CA SER A 75 -7.60 -46.56 3.55
C SER A 75 -7.91 -45.32 4.37
N ILE A 76 -7.02 -44.33 4.29
CA ILE A 76 -7.09 -43.13 5.13
C ILE A 76 -6.81 -41.81 4.39
N ASN A 77 -6.96 -41.85 3.06
CA ASN A 77 -6.87 -40.65 2.23
C ASN A 77 -5.60 -39.85 2.42
N THR A 78 -4.46 -40.54 2.49
CA THR A 78 -3.22 -39.90 2.81
C THR A 78 -2.11 -40.30 1.86
N ALA A 79 -1.40 -39.29 1.38
CA ALA A 79 -0.24 -39.47 0.51
C ALA A 79 1.02 -39.14 1.32
N TYR A 80 2.10 -39.85 1.01
CA TYR A 80 3.34 -39.73 1.77
C TYR A 80 4.52 -39.45 0.86
N LEU A 81 5.52 -38.78 1.42
CA LEU A 81 6.80 -38.61 0.76
C LEU A 81 7.85 -38.95 1.80
N GLN A 82 8.81 -39.81 1.45
CA GLN A 82 9.81 -40.24 2.43
C GLN A 82 11.23 -40.40 1.89
N TRP A 83 12.19 -40.15 2.78
CA TRP A 83 13.61 -40.31 2.52
C TRP A 83 14.08 -41.33 3.52
N SER A 84 15.05 -42.15 3.16
CA SER A 84 15.68 -43.04 4.13
C SER A 84 16.88 -42.34 4.75
N SER A 85 17.51 -41.45 4.01
CA SER A 85 18.66 -40.70 4.52
C SER A 85 18.71 -39.27 3.94
N LEU A 86 18.46 -38.30 4.82
CA LEU A 86 18.44 -36.88 4.46
C LEU A 86 19.80 -36.23 4.25
N LYS A 87 19.86 -35.36 3.25
CA LYS A 87 21.02 -34.49 3.04
C LYS A 87 20.66 -33.03 3.32
N ALA A 88 21.67 -32.20 3.51
CA ALA A 88 21.45 -30.76 3.71
C ALA A 88 20.78 -30.16 2.48
N SER A 89 21.08 -30.72 1.30
CA SER A 89 20.48 -30.28 0.04
C SER A 89 18.96 -30.50 -0.06
N ASP A 90 18.41 -31.32 0.84
CA ASP A 90 16.98 -31.59 0.84
C ASP A 90 16.18 -30.52 1.58
N THR A 91 16.89 -29.52 2.09
CA THR A 91 16.24 -28.37 2.74
C THR A 91 15.39 -27.60 1.71
N ALA A 92 14.07 -27.57 1.94
CA ALA A 92 13.15 -26.99 0.98
C ALA A 92 11.76 -26.95 1.56
N ILE A 93 10.84 -26.36 0.80
CA ILE A 93 9.43 -26.56 1.08
C ILE A 93 8.90 -27.58 0.05
N TYR A 94 8.05 -28.46 0.55
CA TYR A 94 7.48 -29.52 -0.27
C TYR A 94 5.98 -29.33 -0.29
N TYR A 95 5.44 -29.20 -1.50
CA TYR A 95 4.01 -29.08 -1.73
C TYR A 95 3.44 -30.41 -2.22
N CYS A 96 2.28 -30.80 -1.71
CA CYS A 96 1.51 -31.88 -2.32
C CYS A 96 0.39 -31.22 -3.12
N ALA A 97 0.00 -31.83 -4.24
CA ALA A 97 -1.02 -31.23 -5.08
C ALA A 97 -1.80 -32.28 -5.85
N ARG A 98 -3.11 -32.06 -5.94
CA ARG A 98 -3.93 -32.93 -6.71
C ARG A 98 -3.64 -32.60 -8.16
N GLN A 99 -3.44 -33.63 -8.97
CA GLN A 99 -3.27 -33.46 -10.40
C GLN A 99 -4.55 -33.87 -11.07
N ASN A 100 -5.41 -32.89 -11.30
CA ASN A 100 -6.72 -33.14 -11.84
C ASN A 100 -6.70 -33.13 -13.36
N HIS A 101 -7.78 -33.60 -13.97
CA HIS A 101 -7.92 -33.70 -15.41
C HIS A 101 -9.04 -32.79 -15.88
N TYR A 102 -8.89 -32.24 -17.09
CA TYR A 102 -9.84 -31.32 -17.70
C TYR A 102 -10.08 -31.73 -19.15
N GLY A 103 -11.31 -31.64 -19.62
CA GLY A 103 -11.65 -32.00 -20.99
C GLY A 103 -12.61 -33.16 -21.07
N SER A 104 -12.90 -33.60 -22.28
CA SER A 104 -13.94 -34.59 -22.53
C SER A 104 -13.45 -36.03 -22.47
N GLY A 105 -12.19 -36.25 -22.85
CA GLY A 105 -11.68 -37.61 -22.89
C GLY A 105 -12.02 -38.24 -24.24
N SER A 106 -12.00 -37.39 -25.26
CA SER A 106 -12.27 -37.82 -26.62
C SER A 106 -11.15 -38.76 -27.08
N TYR A 107 -11.51 -39.72 -27.92
CA TYR A 107 -10.55 -40.72 -28.41
C TYR A 107 -9.87 -41.48 -27.28
N PHE A 108 -10.70 -41.93 -26.34
CA PHE A 108 -10.25 -42.61 -25.12
C PHE A 108 -9.08 -41.90 -24.45
N TYR A 109 -9.30 -40.62 -24.12
CA TYR A 109 -8.37 -39.79 -23.32
C TYR A 109 -7.06 -39.37 -24.02
N ARG A 110 -6.98 -39.55 -25.34
CA ARG A 110 -5.75 -39.23 -26.07
C ARG A 110 -5.74 -37.84 -26.71
N THR A 111 -6.88 -37.17 -26.70
CA THR A 111 -6.95 -35.79 -27.16
C THR A 111 -7.92 -35.04 -26.23
N ALA A 112 -7.70 -33.74 -26.05
CA ALA A 112 -8.58 -32.92 -25.22
C ALA A 112 -8.74 -33.51 -23.82
N TYR A 113 -7.63 -33.99 -23.23
CA TYR A 113 -7.65 -34.47 -21.85
C TYR A 113 -6.34 -34.01 -21.22
N TYR A 114 -6.45 -32.96 -20.41
CA TYR A 114 -5.29 -32.24 -19.94
C TYR A 114 -5.18 -32.43 -18.45
N TYR A 115 -3.95 -32.66 -17.99
CA TYR A 115 -3.68 -32.78 -16.57
C TYR A 115 -3.00 -31.50 -16.05
N ALA A 116 -3.47 -31.04 -14.89
CA ALA A 116 -2.91 -29.86 -14.23
C ALA A 116 -3.13 -29.92 -12.72
N MET A 117 -2.22 -29.34 -11.95
CA MET A 117 -2.36 -29.25 -10.51
C MET A 117 -3.22 -28.09 -10.07
N ASP A 118 -4.44 -28.41 -9.67
CA ASP A 118 -5.47 -27.41 -9.41
C ASP A 118 -5.61 -27.07 -7.94
N VAL A 119 -5.38 -28.04 -7.09
CA VAL A 119 -5.52 -27.82 -5.65
C VAL A 119 -4.24 -28.23 -4.98
N TRP A 120 -3.74 -27.34 -4.13
CA TRP A 120 -2.46 -27.53 -3.47
C TRP A 120 -2.62 -27.46 -1.97
N GLY A 121 -1.75 -28.20 -1.29
CA GLY A 121 -1.64 -28.11 0.14
C GLY A 121 -0.87 -26.84 0.47
N GLN A 122 -0.76 -26.56 1.77
CA GLN A 122 -0.12 -25.33 2.22
C GLN A 122 1.39 -25.47 2.12
N GLY A 123 1.89 -26.70 2.13
CA GLY A 123 3.32 -26.94 2.10
C GLY A 123 3.89 -27.37 3.43
N THR A 124 4.97 -28.13 3.37
CA THR A 124 5.68 -28.61 4.54
C THR A 124 7.14 -28.19 4.41
N THR A 125 7.61 -27.43 5.40
CA THR A 125 8.99 -27.00 5.44
C THR A 125 9.84 -28.10 6.07
N VAL A 126 10.95 -28.40 5.43
CA VAL A 126 11.90 -29.38 5.95
C VAL A 126 13.26 -28.73 6.01
N THR A 127 13.81 -28.67 7.22
CA THR A 127 15.13 -28.12 7.43
C THR A 127 16.07 -29.23 7.84
N VAL A 128 17.15 -29.39 7.08
CA VAL A 128 18.18 -30.36 7.40
C VAL A 128 19.43 -29.61 7.83
N SER A 129 19.87 -29.88 9.06
CA SER A 129 21.01 -29.21 9.64
C SER A 129 21.56 -30.01 10.81
N SER A 130 22.87 -29.95 10.98
CA SER A 130 23.54 -30.61 12.09
C SER A 130 23.37 -29.80 13.36
N ALA A 131 22.92 -28.57 13.20
CA ALA A 131 22.80 -27.68 14.33
C ALA A 131 21.70 -28.14 15.27
N SER A 132 21.86 -27.80 16.54
CA SER A 132 20.83 -28.04 17.53
C SER A 132 20.21 -26.67 17.83
N THR A 133 19.05 -26.66 18.49
CA THR A 133 18.38 -25.41 18.82
C THR A 133 19.34 -24.49 19.55
N LYS A 134 19.38 -23.23 19.10
CA LYS A 134 20.33 -22.27 19.66
C LYS A 134 19.78 -20.85 19.56
N GLY A 135 19.82 -20.12 20.66
CA GLY A 135 19.39 -18.73 20.67
C GLY A 135 20.39 -17.82 20.00
N PRO A 136 19.93 -16.65 19.55
CA PRO A 136 20.81 -15.75 18.79
C PRO A 136 21.72 -14.91 19.65
N SER A 137 22.91 -14.63 19.12
CA SER A 137 23.78 -13.56 19.62
C SER A 137 23.43 -12.28 18.85
N VAL A 138 23.19 -11.18 19.56
CA VAL A 138 22.80 -9.92 18.92
C VAL A 138 23.88 -8.84 19.07
N PHE A 139 24.36 -8.34 17.92
CA PHE A 139 25.43 -7.36 17.90
C PHE A 139 24.91 -6.09 17.28
N PRO A 140 25.32 -4.94 17.82
CA PRO A 140 24.86 -3.67 17.25
C PRO A 140 25.60 -3.32 15.97
N LEU A 141 24.89 -2.74 15.02
CA LEU A 141 25.52 -2.11 13.86
C LEU A 141 25.41 -0.57 14.05
N ALA A 142 26.49 0.04 14.54
CA ALA A 142 26.45 1.43 15.01
C ALA A 142 26.62 2.44 13.89
N PRO A 143 25.90 3.55 14.00
CA PRO A 143 26.04 4.66 13.05
C PRO A 143 27.42 5.30 13.15
N SER A 144 27.95 5.67 12.00
CA SER A 144 29.23 6.39 11.90
C SER A 144 29.10 7.87 12.24
N SER A 145 30.22 8.52 12.59
CA SER A 145 30.24 9.95 12.85
C SER A 145 28.84 10.55 12.70
N GLY A 151 21.35 14.69 5.89
CA GLY A 151 21.57 14.40 7.29
C GLY A 151 20.83 13.14 7.72
N THR A 152 21.15 12.03 7.05
CA THR A 152 20.49 10.75 7.30
C THR A 152 21.50 9.65 7.64
N ALA A 153 21.17 8.89 8.69
CA ALA A 153 22.08 7.87 9.20
C ALA A 153 21.42 6.50 9.21
N ALA A 154 22.25 5.48 9.26
CA ALA A 154 21.80 4.11 9.32
C ALA A 154 22.44 3.39 10.49
N LEU A 155 21.61 2.63 11.18
CA LEU A 155 22.07 1.76 12.23
C LEU A 155 21.24 0.51 12.10
N GLY A 156 21.58 -0.48 12.89
CA GLY A 156 20.88 -1.74 12.84
C GLY A 156 21.43 -2.70 13.86
N CYS A 157 21.02 -3.96 13.74
CA CYS A 157 21.52 -5.03 14.56
C CYS A 157 21.76 -6.27 13.70
N LEU A 158 22.76 -7.06 14.08
CA LEU A 158 23.06 -8.30 13.43
C LEU A 158 22.65 -9.43 14.36
N VAL A 159 21.74 -10.28 13.91
CA VAL A 159 21.24 -11.39 14.72
C VAL A 159 21.85 -12.68 14.16
N LYS A 160 22.81 -13.24 14.90
CA LYS A 160 23.72 -14.24 14.33
C LYS A 160 23.72 -15.58 15.08
N ASP A 161 23.93 -16.65 14.30
CA ASP A 161 24.12 -18.01 14.81
C ASP A 161 22.96 -18.53 15.67
N TYR A 162 21.76 -18.47 15.10
CA TYR A 162 20.59 -19.05 15.75
C TYR A 162 20.04 -20.21 14.93
N PHE A 163 19.21 -21.02 15.56
CA PHE A 163 18.59 -22.16 14.89
C PHE A 163 17.46 -22.65 15.78
N PRO A 164 16.32 -23.05 15.18
CA PRO A 164 15.92 -22.97 13.77
C PRO A 164 15.28 -21.60 13.49
N GLU A 165 14.68 -21.41 12.33
CA GLU A 165 13.89 -20.21 12.11
C GLU A 165 12.60 -20.29 12.94
N PRO A 166 11.93 -19.14 13.16
CA PRO A 166 12.32 -17.78 12.76
C PRO A 166 12.63 -16.90 13.97
N VAL A 167 13.18 -15.72 13.71
CA VAL A 167 13.29 -14.67 14.71
C VAL A 167 12.37 -13.55 14.31
N THR A 168 11.96 -12.75 15.29
CA THR A 168 11.22 -11.54 15.02
C THR A 168 12.03 -10.37 15.58
N VAL A 169 12.05 -9.28 14.84
CA VAL A 169 12.80 -8.12 15.27
C VAL A 169 11.89 -6.93 15.23
N SER A 170 11.88 -6.17 16.31
CA SER A 170 11.20 -4.89 16.32
C SER A 170 12.15 -3.86 16.91
N TRP A 171 11.82 -2.57 16.75
CA TRP A 171 12.66 -1.48 17.22
C TRP A 171 11.91 -0.59 18.19
N ASN A 172 12.53 -0.32 19.35
CA ASN A 172 11.90 0.45 20.41
C ASN A 172 10.51 -0.09 20.68
N SER A 173 10.42 -1.41 20.84
CA SER A 173 9.18 -2.11 21.18
C SER A 173 8.00 -1.77 20.28
N GLY A 174 8.30 -1.38 19.04
CA GLY A 174 7.28 -1.22 18.01
C GLY A 174 7.00 0.22 17.64
N ALA A 175 7.56 1.15 18.41
CA ALA A 175 7.32 2.58 18.19
C ALA A 175 7.93 3.08 16.87
N LEU A 176 8.96 2.38 16.41
CA LEU A 176 9.72 2.76 15.23
C LEU A 176 9.55 1.72 14.14
N THR A 177 8.81 2.06 13.07
CA THR A 177 8.56 1.14 11.95
C THR A 177 9.02 1.75 10.65
N SER A 178 8.83 3.06 10.53
CA SER A 178 9.23 3.76 9.34
C SER A 178 10.72 3.59 9.16
N GLY A 179 11.09 3.00 8.02
CA GLY A 179 12.48 2.89 7.65
C GLY A 179 13.18 1.61 8.05
N VAL A 180 12.48 0.66 8.67
CA VAL A 180 13.14 -0.60 9.03
C VAL A 180 13.07 -1.55 7.85
N HIS A 181 14.20 -2.19 7.57
CA HIS A 181 14.29 -3.30 6.64
C HIS A 181 14.90 -4.44 7.42
N THR A 182 14.14 -5.52 7.55
CA THR A 182 14.65 -6.71 8.17
C THR A 182 14.85 -7.71 7.05
N PHE A 183 16.08 -8.13 6.87
CA PHE A 183 16.43 -8.95 5.73
C PHE A 183 16.10 -10.41 5.99
N PRO A 184 15.86 -11.15 4.90
CA PRO A 184 15.57 -12.58 5.10
C PRO A 184 16.79 -13.31 5.64
N ALA A 185 16.54 -14.27 6.51
CA ALA A 185 17.61 -15.03 7.15
C ALA A 185 18.38 -15.84 6.12
N VAL A 186 19.64 -16.11 6.41
CA VAL A 186 20.47 -16.93 5.54
C VAL A 186 21.11 -18.05 6.32
N LEU A 187 20.95 -19.27 5.82
CA LEU A 187 21.56 -20.45 6.42
C LEU A 187 23.03 -20.40 6.07
N GLN A 188 23.87 -20.49 7.10
CA GLN A 188 25.31 -20.44 6.93
C GLN A 188 25.88 -21.87 6.87
N SER A 189 27.16 -21.99 6.49
CA SER A 189 27.82 -23.29 6.37
C SER A 189 27.82 -24.08 7.68
N SER A 190 27.84 -23.34 8.78
CA SER A 190 27.84 -23.90 10.13
C SER A 190 26.51 -24.57 10.50
N GLY A 191 25.50 -24.40 9.65
CA GLY A 191 24.18 -24.94 9.93
C GLY A 191 23.32 -24.04 10.79
N LEU A 192 23.82 -22.84 11.04
CA LEU A 192 23.10 -21.84 11.82
C LEU A 192 22.62 -20.68 10.94
N TYR A 193 21.49 -20.09 11.32
CA TYR A 193 20.90 -18.98 10.58
C TYR A 193 21.51 -17.65 11.04
N SER A 194 21.31 -16.62 10.23
CA SER A 194 21.65 -15.25 10.63
C SER A 194 20.98 -14.25 9.70
N LEU A 195 20.61 -13.10 10.26
CA LEU A 195 20.06 -11.99 9.48
C LEU A 195 20.48 -10.63 10.04
N SER A 196 20.10 -9.57 9.33
CA SER A 196 20.31 -8.21 9.80
C SER A 196 18.99 -7.47 9.76
N SER A 197 18.86 -6.54 10.69
CA SER A 197 17.77 -5.59 10.71
C SER A 197 18.39 -4.22 10.78
N VAL A 198 18.00 -3.34 9.87
CA VAL A 198 18.55 -1.99 9.83
C VAL A 198 17.44 -0.97 9.80
N VAL A 199 17.81 0.26 10.13
CA VAL A 199 16.87 1.36 10.09
C VAL A 199 17.63 2.64 9.77
N THR A 200 16.96 3.54 9.06
CA THR A 200 17.52 4.82 8.74
C THR A 200 16.84 5.89 9.57
N VAL A 201 17.62 6.81 10.08
CA VAL A 201 17.11 7.87 10.93
C VAL A 201 17.83 9.17 10.62
N PRO A 202 17.22 10.30 10.99
CA PRO A 202 17.91 11.59 10.88
C PRO A 202 19.22 11.57 11.64
N SER A 203 20.30 12.08 11.05
CA SER A 203 21.57 12.21 11.77
C SER A 203 21.42 13.07 13.03
N SER A 204 20.49 14.03 13.00
CA SER A 204 20.30 14.94 14.13
C SER A 204 19.71 14.20 15.34
N SER A 205 18.91 13.18 15.10
CA SER A 205 18.19 12.51 16.18
C SER A 205 19.05 11.48 16.95
N LEU A 206 20.33 11.36 16.62
CA LEU A 206 21.20 10.35 17.26
C LEU A 206 21.57 10.70 18.71
N GLY A 207 21.77 11.97 18.98
CA GLY A 207 22.08 12.41 20.34
C GLY A 207 20.83 12.50 21.18
N THR A 208 19.68 12.64 20.52
CA THR A 208 18.41 12.95 21.19
C THR A 208 17.47 11.74 21.30
N GLN A 209 17.73 10.70 20.53
CA GLN A 209 16.86 9.51 20.49
C GLN A 209 17.61 8.23 20.83
N THR A 210 16.99 7.41 21.65
CA THR A 210 17.56 6.12 21.99
C THR A 210 16.93 5.06 21.07
N TYR A 211 17.76 4.18 20.52
CA TYR A 211 17.29 3.15 19.59
C TYR A 211 17.61 1.75 20.10
N ILE A 212 16.59 0.91 20.22
CA ILE A 212 16.74 -0.45 20.75
C ILE A 212 16.23 -1.54 19.80
N CYS A 213 17.07 -2.56 19.55
CA CYS A 213 16.67 -3.80 18.86
C CYS A 213 15.91 -4.67 19.84
N ASN A 214 14.69 -5.07 19.49
CA ASN A 214 13.98 -6.09 20.27
C ASN A 214 13.91 -7.37 19.45
N VAL A 215 14.57 -8.40 19.95
CA VAL A 215 14.68 -9.66 19.24
C VAL A 215 14.04 -10.78 20.04
N ASN A 216 13.23 -11.58 19.36
CA ASN A 216 12.60 -12.75 19.96
C ASN A 216 12.93 -13.98 19.14
N HIS A 217 13.35 -15.03 19.83
CA HIS A 217 13.51 -16.33 19.23
C HIS A 217 12.78 -17.30 20.11
N LYS A 218 11.52 -17.55 19.79
CA LYS A 218 10.63 -18.35 20.62
C LYS A 218 11.15 -19.79 20.83
N PRO A 219 11.69 -20.41 19.76
CA PRO A 219 12.19 -21.80 19.87
C PRO A 219 13.26 -22.04 20.93
N SER A 220 14.06 -21.04 21.29
CA SER A 220 15.00 -21.18 22.39
C SER A 220 14.63 -20.27 23.54
N ASN A 221 13.50 -19.58 23.37
CA ASN A 221 12.95 -18.73 24.41
C ASN A 221 13.83 -17.54 24.77
N THR A 222 14.35 -16.87 23.74
CA THR A 222 15.20 -15.71 23.98
C THR A 222 14.41 -14.44 23.69
N LYS A 223 14.51 -13.50 24.63
CA LYS A 223 14.04 -12.15 24.41
C LYS A 223 15.22 -11.25 24.72
N VAL A 224 15.71 -10.54 23.72
CA VAL A 224 16.87 -9.66 23.87
C VAL A 224 16.52 -8.24 23.47
N ASP A 225 17.08 -7.28 24.20
CA ASP A 225 16.93 -5.87 23.90
C ASP A 225 18.34 -5.26 23.89
N LYS A 226 18.75 -4.68 22.77
CA LYS A 226 20.09 -4.11 22.63
C LYS A 226 20.02 -2.66 22.24
N LYS A 227 20.66 -1.82 23.04
CA LYS A 227 20.79 -0.43 22.67
C LYS A 227 21.88 -0.34 21.63
N VAL A 228 21.61 0.45 20.59
CA VAL A 228 22.57 0.70 19.53
C VAL A 228 23.00 2.16 19.62
N GLU A 229 24.21 2.40 20.13
CA GLU A 229 24.69 3.76 20.36
C GLU A 229 25.81 4.09 19.39
N PRO A 230 25.86 5.34 18.93
CA PRO A 230 26.87 5.80 17.98
C PRO A 230 28.21 6.04 18.66
N LYS A 231 29.33 5.86 17.97
CA LYS A 231 30.59 6.40 18.49
C LYS A 231 31.60 6.53 17.35
N GLN B 1 5.95 18.06 24.85
CA GLN B 1 6.44 19.32 24.19
C GLN B 1 5.28 20.31 23.95
N VAL B 2 5.29 21.02 22.84
CA VAL B 2 4.21 21.98 22.59
C VAL B 2 3.00 21.26 22.03
N GLN B 3 1.84 21.62 22.55
CA GLN B 3 0.62 20.90 22.23
C GLN B 3 -0.60 21.79 22.30
N LEU B 4 -1.41 21.75 21.26
CA LEU B 4 -2.67 22.46 21.23
C LEU B 4 -3.80 21.44 21.18
N VAL B 5 -4.71 21.54 22.13
CA VAL B 5 -5.82 20.60 22.27
C VAL B 5 -7.13 21.36 22.21
N GLN B 6 -7.94 21.05 21.21
CA GLN B 6 -9.18 21.74 20.96
C GLN B 6 -10.39 21.00 21.53
N SER B 7 -11.44 21.77 21.80
CA SER B 7 -12.74 21.24 22.27
C SER B 7 -13.38 20.34 21.22
N GLY B 8 -14.45 19.67 21.61
CA GLY B 8 -15.02 18.63 20.78
C GLY B 8 -16.02 19.11 19.75
N ALA B 9 -16.42 18.16 18.90
CA ALA B 9 -17.31 18.41 17.78
C ALA B 9 -18.65 18.97 18.24
N GLU B 10 -19.25 19.78 17.37
CA GLU B 10 -20.47 20.51 17.66
C GLU B 10 -21.46 20.43 16.51
N VAL B 11 -22.72 20.23 16.85
CA VAL B 11 -23.81 20.19 15.89
C VAL B 11 -24.80 21.23 16.35
N LYS B 12 -25.02 22.24 15.51
CA LYS B 12 -25.74 23.42 15.90
C LYS B 12 -26.76 23.81 14.86
N LYS B 13 -27.74 24.61 15.28
CA LYS B 13 -28.74 25.15 14.38
C LYS B 13 -28.41 26.60 14.04
N PRO B 14 -28.79 27.06 12.84
CA PRO B 14 -28.49 28.45 12.51
C PRO B 14 -29.17 29.41 13.47
N GLY B 15 -28.43 30.41 13.93
CA GLY B 15 -28.90 31.35 14.93
C GLY B 15 -28.39 31.04 16.32
N GLU B 16 -27.94 29.81 16.54
CA GLU B 16 -27.34 29.43 17.81
C GLU B 16 -25.97 30.08 17.98
N SER B 17 -25.63 30.46 19.22
CA SER B 17 -24.32 31.02 19.50
C SER B 17 -23.43 29.82 19.84
N LEU B 18 -22.12 30.01 19.78
CA LEU B 18 -21.19 28.91 20.02
C LEU B 18 -19.83 29.45 20.39
N LYS B 19 -19.16 28.77 21.32
CA LYS B 19 -17.83 29.17 21.75
C LYS B 19 -16.95 27.94 21.81
N ILE B 20 -15.95 27.87 20.93
CA ILE B 20 -15.03 26.75 20.95
C ILE B 20 -13.69 27.21 21.46
N SER B 21 -12.90 26.26 21.94
CA SER B 21 -11.69 26.56 22.66
C SER B 21 -10.47 25.80 22.19
N CYS B 22 -9.32 26.40 22.49
CA CYS B 22 -8.03 25.76 22.35
C CYS B 22 -7.27 25.94 23.66
N LYS B 23 -6.75 24.85 24.19
CA LYS B 23 -5.93 24.90 25.38
C LYS B 23 -4.52 24.44 25.05
N VAL B 24 -3.54 25.26 25.44
CA VAL B 24 -2.16 25.02 25.07
C VAL B 24 -1.31 24.60 26.26
N SER B 25 -0.20 23.96 25.94
CA SER B 25 0.81 23.57 26.92
C SER B 25 2.18 23.62 26.23
N GLY B 26 3.23 23.78 27.03
CA GLY B 26 4.59 23.64 26.53
C GLY B 26 5.27 24.94 26.14
N TYR B 27 4.61 26.07 26.36
CA TYR B 27 5.25 27.37 26.10
C TYR B 27 4.51 28.50 26.80
N ASN B 28 5.06 29.71 26.71
CA ASN B 28 4.47 30.86 27.36
C ASN B 28 3.31 31.40 26.53
N PHE B 29 2.10 31.10 26.97
CA PHE B 29 0.91 31.40 26.18
C PHE B 29 0.80 32.90 25.91
N ALA B 30 1.20 33.71 26.87
CA ALA B 30 0.95 35.15 26.80
C ALA B 30 1.81 35.89 25.79
N SER B 31 2.96 35.32 25.43
CA SER B 31 3.96 36.04 24.63
C SER B 31 4.05 35.60 23.16
N GLU B 32 3.08 34.81 22.71
CA GLU B 32 3.08 34.33 21.32
C GLU B 32 1.72 34.55 20.69
N TRP B 33 1.72 34.86 19.41
CA TRP B 33 0.48 34.96 18.66
C TRP B 33 -0.13 33.59 18.49
N ILE B 34 -1.44 33.51 18.59
CA ILE B 34 -2.18 32.28 18.35
C ILE B 34 -3.43 32.60 17.54
N GLY B 35 -3.83 31.72 16.64
CA GLY B 35 -4.91 32.02 15.71
C GLY B 35 -5.79 30.88 15.22
N TRP B 36 -6.77 31.26 14.42
CA TRP B 36 -7.79 30.33 13.98
C TRP B 36 -7.84 30.30 12.48
N VAL B 37 -7.98 29.09 11.95
CA VAL B 37 -8.04 28.83 10.54
C VAL B 37 -9.25 27.95 10.26
N ARG B 38 -10.03 28.30 9.26
CA ARG B 38 -11.23 27.57 8.91
C ARG B 38 -11.03 26.79 7.63
N GLN B 39 -11.62 25.59 7.57
CA GLN B 39 -11.62 24.76 6.36
C GLN B 39 -13.02 24.15 6.14
N MET B 40 -13.76 24.68 5.15
CA MET B 40 -15.10 24.19 4.81
C MET B 40 -14.96 22.86 4.07
N PRO B 41 -15.99 22.01 4.15
CA PRO B 41 -15.86 20.66 3.57
C PRO B 41 -15.58 20.71 2.07
N GLY B 42 -14.47 20.14 1.63
CA GLY B 42 -14.12 20.15 0.22
C GLY B 42 -13.43 21.40 -0.29
N LYS B 43 -13.11 22.34 0.62
CA LYS B 43 -12.51 23.61 0.23
C LYS B 43 -11.10 23.79 0.81
N GLY B 44 -10.46 24.92 0.49
CA GLY B 44 -9.13 25.21 1.00
C GLY B 44 -9.17 25.85 2.37
N LEU B 45 -8.00 26.27 2.86
CA LEU B 45 -7.88 26.90 4.16
C LEU B 45 -8.22 28.39 4.08
N GLU B 46 -8.91 28.90 5.10
CA GLU B 46 -9.12 30.34 5.26
C GLU B 46 -8.60 30.84 6.62
N TRP B 47 -7.66 31.75 6.56
CA TRP B 47 -7.15 32.42 7.74
C TRP B 47 -8.24 33.32 8.29
N MET B 48 -8.55 33.18 9.58
CA MET B 48 -9.63 33.96 10.19
C MET B 48 -9.11 35.13 11.03
N GLY B 49 -8.10 34.86 11.85
CA GLY B 49 -7.60 35.89 12.75
C GLY B 49 -6.65 35.37 13.79
N ILE B 50 -5.90 36.30 14.41
CA ILE B 50 -4.94 35.94 15.44
C ILE B 50 -5.09 36.87 16.62
N ILE B 51 -4.69 36.38 17.78
CA ILE B 51 -4.70 37.17 19.00
C ILE B 51 -3.34 37.01 19.70
N TYR B 52 -2.88 38.11 20.30
CA TYR B 52 -1.68 38.13 21.13
C TYR B 52 -2.17 38.28 22.57
N PRO B 53 -2.27 37.17 23.32
CA PRO B 53 -2.93 37.15 24.63
C PRO B 53 -2.35 38.12 25.68
N GLY B 54 -1.07 38.46 25.56
CA GLY B 54 -0.44 39.42 26.44
C GLY B 54 -1.22 40.71 26.55
N ASP B 55 -1.39 41.42 25.44
CA ASP B 55 -2.14 42.68 25.41
C ASP B 55 -3.48 42.56 24.70
N SER B 56 -3.87 41.33 24.37
CA SER B 56 -5.16 41.06 23.74
C SER B 56 -5.31 41.78 22.40
N ASP B 57 -4.20 42.06 21.73
CA ASP B 57 -4.28 42.69 20.42
C ASP B 57 -4.80 41.63 19.45
N THR B 58 -5.77 42.01 18.62
CA THR B 58 -6.39 41.09 17.68
C THR B 58 -6.36 41.66 16.28
N LYS B 59 -6.18 40.76 15.32
CA LYS B 59 -6.23 41.10 13.91
C LYS B 59 -7.15 40.10 13.23
N TYR B 60 -8.17 40.61 12.54
CA TYR B 60 -9.19 39.79 11.91
C TYR B 60 -9.12 39.93 10.41
N SER B 61 -9.53 38.89 9.70
CA SER B 61 -9.81 39.02 8.29
C SER B 61 -11.11 39.81 8.17
N PRO B 62 -11.19 40.73 7.20
CA PRO B 62 -12.42 41.52 7.06
C PRO B 62 -13.64 40.66 6.84
N SER B 63 -13.47 39.46 6.30
CA SER B 63 -14.60 38.56 6.06
C SER B 63 -15.22 38.04 7.36
N PHE B 64 -14.45 38.02 8.45
CA PHE B 64 -14.94 37.48 9.72
C PHE B 64 -15.11 38.55 10.81
N GLN B 65 -14.56 39.72 10.55
CA GLN B 65 -14.69 40.87 11.44
C GLN B 65 -16.17 41.17 11.70
N GLY B 66 -16.58 41.15 12.97
CA GLY B 66 -17.95 41.44 13.33
C GLY B 66 -18.83 40.21 13.33
N GLN B 67 -18.34 39.12 12.75
CA GLN B 67 -19.06 37.85 12.70
C GLN B 67 -18.60 36.93 13.82
N VAL B 68 -17.36 37.10 14.24
CA VAL B 68 -16.83 36.30 15.32
C VAL B 68 -16.01 37.19 16.23
N ILE B 69 -15.64 36.63 17.38
CA ILE B 69 -14.75 37.29 18.32
C ILE B 69 -13.70 36.29 18.75
N ILE B 70 -12.44 36.69 18.63
CA ILE B 70 -11.31 35.89 19.10
C ILE B 70 -10.86 36.46 20.42
N SER B 71 -10.55 35.59 21.36
CA SER B 71 -10.23 36.04 22.72
C SER B 71 -9.39 35.01 23.43
N ALA B 72 -8.84 35.42 24.57
CA ALA B 72 -7.96 34.56 25.35
C ALA B 72 -8.17 34.77 26.84
N ASP B 73 -7.84 33.74 27.61
CA ASP B 73 -7.76 33.81 29.07
C ASP B 73 -6.38 33.26 29.44
N LYS B 74 -5.44 34.17 29.68
CA LYS B 74 -4.06 33.80 29.99
C LYS B 74 -4.01 32.99 31.28
N SER B 75 -5.02 33.20 32.14
CA SER B 75 -5.14 32.52 33.43
C SER B 75 -5.12 30.99 33.31
N ILE B 76 -5.57 30.47 32.18
CA ILE B 76 -5.76 29.03 31.96
C ILE B 76 -5.24 28.56 30.60
N ASN B 77 -4.33 29.35 30.01
CA ASN B 77 -3.63 28.98 28.77
C ASN B 77 -4.56 28.60 27.63
N THR B 78 -5.63 29.38 27.44
CA THR B 78 -6.69 29.02 26.50
C THR B 78 -7.16 30.17 25.58
N ALA B 79 -7.29 29.86 24.29
CA ALA B 79 -7.78 30.82 23.31
C ALA B 79 -9.19 30.39 22.87
N TYR B 80 -10.02 31.37 22.55
CA TYR B 80 -11.42 31.13 22.22
C TYR B 80 -11.79 31.70 20.86
N LEU B 81 -12.80 31.09 20.25
CA LEU B 81 -13.41 31.61 19.05
C LEU B 81 -14.91 31.48 19.24
N GLN B 82 -15.65 32.56 19.03
CA GLN B 82 -17.10 32.52 19.27
C GLN B 82 -17.92 33.28 18.24
N TRP B 83 -19.13 32.76 18.05
CA TRP B 83 -20.15 33.35 17.19
C TRP B 83 -21.32 33.72 18.09
N SER B 84 -21.98 34.84 17.77
CA SER B 84 -23.22 35.17 18.44
C SER B 84 -24.38 34.57 17.63
N SER B 85 -24.19 34.45 16.33
CA SER B 85 -25.20 33.84 15.46
C SER B 85 -24.62 33.04 14.27
N LEU B 86 -24.77 31.71 14.35
CA LEU B 86 -24.21 30.80 13.34
C LEU B 86 -25.07 30.77 12.09
N LYS B 87 -24.41 30.74 10.94
CA LYS B 87 -25.07 30.52 9.65
C LYS B 87 -24.66 29.16 9.14
N ALA B 88 -25.43 28.60 8.22
CA ALA B 88 -25.12 27.30 7.64
C ALA B 88 -23.74 27.32 6.97
N SER B 89 -23.36 28.48 6.45
CA SER B 89 -22.06 28.67 5.83
C SER B 89 -20.92 28.46 6.83
N ASP B 90 -21.20 28.49 8.13
CA ASP B 90 -20.14 28.31 9.12
C ASP B 90 -19.82 26.83 9.35
N THR B 91 -20.51 25.95 8.63
CA THR B 91 -20.19 24.52 8.70
C THR B 91 -18.78 24.29 8.18
N ALA B 92 -17.91 23.81 9.06
CA ALA B 92 -16.50 23.63 8.73
C ALA B 92 -15.74 22.93 9.85
N ILE B 93 -14.48 22.64 9.58
CA ILE B 93 -13.56 22.26 10.64
C ILE B 93 -12.67 23.49 10.94
N TYR B 94 -12.49 23.76 12.23
CA TYR B 94 -11.72 24.93 12.67
C TYR B 94 -10.45 24.52 13.42
N TYR B 95 -9.32 25.00 12.92
CA TYR B 95 -8.04 24.73 13.54
C TYR B 95 -7.57 25.96 14.30
N CYS B 96 -6.96 25.71 15.45
CA CYS B 96 -6.24 26.71 16.23
C CYS B 96 -4.75 26.34 16.22
N ALA B 97 -3.90 27.32 15.91
CA ALA B 97 -2.49 27.09 15.65
C ALA B 97 -1.62 28.21 16.21
N ARG B 98 -0.45 27.85 16.74
CA ARG B 98 0.52 28.83 17.19
C ARG B 98 1.19 29.44 15.99
N GLN B 99 1.32 30.75 16.01
CA GLN B 99 2.03 31.46 14.96
C GLN B 99 3.40 31.86 15.52
N ASN B 100 4.40 31.03 15.24
CA ASN B 100 5.72 31.22 15.83
C ASN B 100 6.53 32.17 14.98
N HIS B 101 7.63 32.65 15.53
CA HIS B 101 8.49 33.59 14.82
C HIS B 101 9.82 32.94 14.57
N TYR B 102 10.43 33.32 13.45
CA TYR B 102 11.70 32.78 13.04
C TYR B 102 12.58 33.92 12.59
N GLY B 103 13.87 33.87 12.94
CA GLY B 103 14.81 34.88 12.52
C GLY B 103 15.43 35.64 13.67
N SER B 104 16.27 36.63 13.34
CA SER B 104 17.11 37.31 14.32
C SER B 104 16.42 38.51 14.97
N GLY B 105 15.55 39.19 14.24
CA GLY B 105 14.87 40.38 14.76
C GLY B 105 15.71 41.64 14.57
N SER B 106 16.49 41.64 13.50
CA SER B 106 17.31 42.78 13.14
C SER B 106 16.40 43.94 12.69
N TYR B 107 16.86 45.16 12.92
CA TYR B 107 16.10 46.37 12.63
C TYR B 107 14.79 46.34 13.39
N PHE B 108 14.91 45.98 14.67
CA PHE B 108 13.77 45.87 15.56
C PHE B 108 12.57 45.13 14.94
N TYR B 109 12.82 43.90 14.47
CA TYR B 109 11.80 42.96 13.98
C TYR B 109 11.16 43.30 12.64
N ARG B 110 11.70 44.28 11.92
CA ARG B 110 11.10 44.73 10.67
C ARG B 110 11.69 44.03 9.43
N THR B 111 12.80 43.33 9.62
CA THR B 111 13.38 42.48 8.57
C THR B 111 13.89 41.19 9.21
N ALA B 112 13.96 40.13 8.42
CA ALA B 112 14.47 38.84 8.90
C ALA B 112 13.69 38.36 10.11
N TYR B 113 12.39 38.56 10.06
CA TYR B 113 11.51 38.11 11.13
C TYR B 113 10.21 37.61 10.53
N TYR B 114 10.10 36.29 10.47
CA TYR B 114 9.04 35.64 9.74
C TYR B 114 8.14 34.92 10.69
N TYR B 115 6.83 35.06 10.45
CA TYR B 115 5.80 34.38 11.20
C TYR B 115 5.21 33.22 10.39
N ALA B 116 4.98 32.09 11.05
CA ALA B 116 4.39 30.92 10.42
C ALA B 116 3.64 30.07 11.44
N MET B 117 2.61 29.36 10.99
CA MET B 117 1.84 28.46 11.86
C MET B 117 2.60 27.16 12.01
N ASP B 118 3.26 26.94 13.15
CA ASP B 118 4.15 25.78 13.29
C ASP B 118 3.52 24.58 14.01
N VAL B 119 2.65 24.87 14.98
CA VAL B 119 1.97 23.82 15.74
C VAL B 119 0.47 24.06 15.63
N TRP B 120 -0.28 22.99 15.32
CA TRP B 120 -1.72 23.06 15.09
C TRP B 120 -2.47 22.13 16.03
N GLY B 121 -3.72 22.50 16.35
CA GLY B 121 -4.61 21.62 17.09
C GLY B 121 -5.18 20.54 16.18
N GLN B 122 -5.91 19.59 16.76
CA GLN B 122 -6.43 18.43 16.01
C GLN B 122 -7.60 18.84 15.13
N GLY B 123 -8.20 19.99 15.45
CA GLY B 123 -9.32 20.50 14.69
C GLY B 123 -10.65 20.30 15.41
N THR B 124 -11.58 21.21 15.17
CA THR B 124 -12.91 21.09 15.72
C THR B 124 -13.92 21.18 14.61
N THR B 125 -14.71 20.13 14.47
CA THR B 125 -15.75 20.08 13.45
C THR B 125 -17.00 20.74 13.96
N VAL B 126 -17.58 21.60 13.12
CA VAL B 126 -18.82 22.27 13.43
C VAL B 126 -19.78 22.11 12.28
N THR B 127 -20.94 21.54 12.58
CA THR B 127 -21.98 21.35 11.58
C THR B 127 -23.11 22.30 11.95
N VAL B 128 -23.48 23.17 11.01
CA VAL B 128 -24.62 24.07 11.21
C VAL B 128 -25.74 23.71 10.24
N SER B 129 -26.89 23.35 10.80
CA SER B 129 -28.03 22.92 10.01
C SER B 129 -29.28 22.99 10.85
N SER B 130 -30.39 23.32 10.20
CA SER B 130 -31.69 23.37 10.85
C SER B 130 -32.29 21.97 11.02
N ALA B 131 -31.72 20.98 10.35
CA ALA B 131 -32.24 19.62 10.41
C ALA B 131 -31.98 19.06 11.80
N SER B 132 -32.81 18.10 12.20
CA SER B 132 -32.63 17.41 13.47
C SER B 132 -32.12 16.00 13.23
N THR B 133 -31.62 15.37 14.28
CA THR B 133 -31.07 14.01 14.19
C THR B 133 -32.06 13.04 13.57
N LYS B 134 -31.60 12.25 12.60
CA LYS B 134 -32.46 11.33 11.88
C LYS B 134 -31.64 10.12 11.40
N GLY B 135 -32.14 8.93 11.70
CA GLY B 135 -31.50 7.71 11.25
C GLY B 135 -31.72 7.55 9.76
N PRO B 136 -30.86 6.78 9.09
CA PRO B 136 -30.90 6.66 7.64
C PRO B 136 -31.96 5.67 7.11
N SER B 137 -32.50 6.00 5.92
CA SER B 137 -33.27 5.06 5.10
C SER B 137 -32.32 4.39 4.12
N VAL B 138 -32.33 3.05 4.08
CA VAL B 138 -31.40 2.27 3.23
C VAL B 138 -32.12 1.48 2.12
N PHE B 139 -31.71 1.72 0.88
CA PHE B 139 -32.35 1.11 -0.28
C PHE B 139 -31.32 0.31 -1.08
N PRO B 140 -31.73 -0.85 -1.61
CA PRO B 140 -30.76 -1.62 -2.40
C PRO B 140 -30.54 -1.05 -3.80
N LEU B 141 -29.30 -1.14 -4.29
CA LEU B 141 -28.96 -0.90 -5.70
C LEU B 141 -28.71 -2.26 -6.33
N ALA B 142 -29.70 -2.79 -7.04
CA ALA B 142 -29.71 -4.18 -7.48
C ALA B 142 -28.88 -4.42 -8.76
N PRO B 143 -28.22 -5.60 -8.86
CA PRO B 143 -27.49 -6.06 -10.05
C PRO B 143 -28.33 -6.15 -11.34
N SER B 144 -27.68 -6.00 -12.48
CA SER B 144 -28.31 -6.17 -13.79
C SER B 144 -28.14 -7.61 -14.26
N GLY B 151 -17.31 -11.23 -16.78
CA GLY B 151 -18.31 -11.69 -15.83
C GLY B 151 -18.30 -10.91 -14.53
N THR B 152 -18.48 -9.60 -14.64
CA THR B 152 -18.42 -8.71 -13.49
C THR B 152 -19.69 -7.91 -13.30
N ALA B 153 -20.20 -7.92 -12.07
CA ALA B 153 -21.44 -7.22 -11.75
C ALA B 153 -21.22 -6.21 -10.61
N ALA B 154 -22.09 -5.22 -10.55
CA ALA B 154 -22.01 -4.19 -9.52
C ALA B 154 -23.34 -4.09 -8.80
N LEU B 155 -23.27 -4.01 -7.47
CA LEU B 155 -24.44 -3.79 -6.65
C LEU B 155 -24.06 -2.83 -5.54
N GLY B 156 -25.04 -2.44 -4.73
CA GLY B 156 -24.74 -1.52 -3.67
C GLY B 156 -25.94 -1.22 -2.83
N CYS B 157 -25.80 -0.18 -2.01
CA CYS B 157 -26.89 0.34 -1.20
C CYS B 157 -26.83 1.86 -1.24
N LEU B 158 -28.01 2.48 -1.19
CA LEU B 158 -28.13 3.91 -1.12
C LEU B 158 -28.60 4.26 0.29
N VAL B 159 -27.78 5.02 1.01
CA VAL B 159 -28.04 5.40 2.41
C VAL B 159 -28.47 6.86 2.45
N LYS B 160 -29.75 7.07 2.69
CA LYS B 160 -30.37 8.36 2.40
C LYS B 160 -31.02 9.06 3.59
N ASP B 161 -30.98 10.38 3.52
CA ASP B 161 -31.71 11.26 4.44
C ASP B 161 -31.37 11.04 5.90
N TYR B 162 -30.09 11.05 6.24
CA TYR B 162 -29.66 10.97 7.63
C TYR B 162 -28.94 12.24 8.09
N PHE B 163 -28.86 12.40 9.41
CA PHE B 163 -28.19 13.55 10.02
C PHE B 163 -27.97 13.26 11.50
N PRO B 164 -26.83 13.68 12.06
CA PRO B 164 -25.66 14.31 11.43
C PRO B 164 -24.72 13.24 10.90
N GLU B 165 -23.55 13.64 10.43
CA GLU B 165 -22.56 12.65 10.05
C GLU B 165 -21.98 12.02 11.31
N PRO B 166 -21.36 10.85 11.17
CA PRO B 166 -21.20 10.03 9.96
C PRO B 166 -21.92 8.69 10.07
N VAL B 167 -21.99 7.98 8.95
CA VAL B 167 -22.38 6.58 8.93
C VAL B 167 -21.16 5.77 8.56
N THR B 168 -21.21 4.48 8.91
CA THR B 168 -20.21 3.53 8.48
C THR B 168 -20.93 2.42 7.74
N VAL B 169 -20.30 1.92 6.70
CA VAL B 169 -20.89 0.88 5.90
C VAL B 169 -19.91 -0.28 5.79
N SER B 170 -20.40 -1.48 6.02
CA SER B 170 -19.60 -2.66 5.74
C SER B 170 -20.45 -3.68 4.97
N TRP B 171 -19.78 -4.68 4.41
CA TRP B 171 -20.46 -5.68 3.60
C TRP B 171 -20.21 -7.04 4.20
N ASN B 172 -21.29 -7.80 4.36
CA ASN B 172 -21.19 -9.11 4.97
C ASN B 172 -20.36 -9.09 6.25
N SER B 173 -20.71 -8.15 7.13
CA SER B 173 -20.10 -8.02 8.46
C SER B 173 -18.57 -8.00 8.50
N GLY B 174 -17.94 -7.59 7.41
CA GLY B 174 -16.50 -7.38 7.36
C GLY B 174 -15.78 -8.39 6.50
N ALA B 175 -16.51 -9.42 6.08
CA ALA B 175 -15.94 -10.51 5.27
C ALA B 175 -15.58 -10.06 3.87
N LEU B 176 -16.25 -8.99 3.42
CA LEU B 176 -16.10 -8.48 2.06
C LEU B 176 -15.50 -7.07 2.09
N THR B 177 -14.26 -6.94 1.62
CA THR B 177 -13.57 -5.66 1.56
C THR B 177 -13.06 -5.33 0.14
N SER B 178 -12.62 -6.36 -0.58
CA SER B 178 -12.13 -6.20 -1.95
C SER B 178 -13.20 -5.66 -2.88
N GLY B 179 -12.92 -4.52 -3.49
CA GLY B 179 -13.80 -3.96 -4.49
C GLY B 179 -14.86 -3.02 -3.96
N VAL B 180 -14.89 -2.75 -2.64
CA VAL B 180 -15.91 -1.84 -2.10
C VAL B 180 -15.45 -0.38 -2.16
N HIS B 181 -16.34 0.46 -2.65
CA HIS B 181 -16.15 1.90 -2.62
C HIS B 181 -17.33 2.48 -1.86
N THR B 182 -17.03 3.15 -0.77
CA THR B 182 -18.05 3.86 -0.05
C THR B 182 -17.75 5.31 -0.29
N PHE B 183 -18.69 5.98 -0.94
CA PHE B 183 -18.49 7.36 -1.36
C PHE B 183 -18.76 8.34 -0.22
N PRO B 184 -18.12 9.51 -0.27
CA PRO B 184 -18.36 10.52 0.76
C PRO B 184 -19.77 11.09 0.70
N ALA B 185 -20.34 11.41 1.86
CA ALA B 185 -21.70 11.93 1.93
C ALA B 185 -21.83 13.26 1.19
N VAL B 186 -23.02 13.53 0.68
CA VAL B 186 -23.33 14.76 -0.02
C VAL B 186 -24.50 15.40 0.69
N LEU B 187 -24.36 16.67 1.06
CA LEU B 187 -25.43 17.41 1.72
C LEU B 187 -26.49 17.76 0.68
N GLN B 188 -27.73 17.40 0.97
CA GLN B 188 -28.85 17.71 0.09
C GLN B 188 -29.54 18.98 0.60
N SER B 189 -30.41 19.55 -0.23
CA SER B 189 -31.08 20.81 0.07
C SER B 189 -31.84 20.75 1.39
N SER B 190 -32.28 19.54 1.74
CA SER B 190 -33.06 19.31 2.96
C SER B 190 -32.21 19.50 4.22
N GLY B 191 -30.90 19.59 4.05
CA GLY B 191 -29.99 19.64 5.19
C GLY B 191 -29.66 18.26 5.72
N LEU B 192 -30.09 17.21 5.00
CA LEU B 192 -29.80 15.83 5.39
C LEU B 192 -28.75 15.27 4.44
N TYR B 193 -27.91 14.39 4.97
CA TYR B 193 -26.83 13.80 4.19
C TYR B 193 -27.29 12.55 3.49
N SER B 194 -26.53 12.11 2.50
CA SER B 194 -26.77 10.82 1.85
C SER B 194 -25.51 10.33 1.15
N LEU B 195 -25.32 9.02 1.12
CA LEU B 195 -24.20 8.41 0.41
C LEU B 195 -24.55 7.06 -0.19
N SER B 196 -23.61 6.52 -0.96
CA SER B 196 -23.71 5.19 -1.52
C SER B 196 -22.48 4.37 -1.18
N SER B 197 -22.68 3.07 -1.07
CA SER B 197 -21.60 2.12 -0.99
C SER B 197 -21.88 1.10 -2.06
N VAL B 198 -20.89 0.81 -2.88
CA VAL B 198 -21.07 -0.19 -3.93
C VAL B 198 -19.92 -1.19 -3.90
N VAL B 199 -20.16 -2.35 -4.51
CA VAL B 199 -19.10 -3.33 -4.61
C VAL B 199 -19.24 -4.11 -5.90
N THR B 200 -18.11 -4.52 -6.43
CA THR B 200 -18.07 -5.32 -7.64
C THR B 200 -17.76 -6.75 -7.28
N VAL B 201 -18.51 -7.65 -7.90
CA VAL B 201 -18.40 -9.06 -7.63
C VAL B 201 -18.56 -9.84 -8.94
N PRO B 202 -18.13 -11.10 -8.95
CA PRO B 202 -18.38 -11.97 -10.09
C PRO B 202 -19.87 -12.10 -10.38
N SER B 203 -20.26 -11.99 -11.65
CA SER B 203 -21.65 -12.19 -12.05
C SER B 203 -22.16 -13.58 -11.66
N SER B 204 -21.26 -14.55 -11.59
CA SER B 204 -21.61 -15.94 -11.28
C SER B 204 -22.09 -16.11 -9.84
N SER B 205 -21.56 -15.29 -8.94
CA SER B 205 -21.82 -15.44 -7.50
C SER B 205 -23.17 -14.87 -7.09
N LEU B 206 -23.92 -14.35 -8.05
CA LEU B 206 -25.18 -13.68 -7.71
C LEU B 206 -26.25 -14.68 -7.26
N GLY B 207 -26.30 -15.84 -7.91
CA GLY B 207 -27.27 -16.85 -7.53
C GLY B 207 -26.85 -17.64 -6.31
N THR B 208 -25.54 -17.67 -6.06
CA THR B 208 -24.96 -18.54 -5.03
C THR B 208 -24.49 -17.80 -3.77
N GLN B 209 -24.33 -16.48 -3.83
CA GLN B 209 -23.78 -15.73 -2.70
C GLN B 209 -24.69 -14.61 -2.23
N THR B 210 -24.83 -14.51 -0.92
CA THR B 210 -25.65 -13.47 -0.35
C THR B 210 -24.79 -12.25 0.01
N TYR B 211 -25.30 -11.08 -0.35
CA TYR B 211 -24.61 -9.83 -0.11
C TYR B 211 -25.47 -8.92 0.76
N ILE B 212 -24.90 -8.49 1.89
CA ILE B 212 -25.60 -7.67 2.86
C ILE B 212 -24.85 -6.36 3.17
N CYS B 213 -25.56 -5.23 3.07
CA CYS B 213 -25.12 -3.90 3.55
C CYS B 213 -25.27 -3.82 5.06
N ASN B 214 -24.20 -3.48 5.76
CA ASN B 214 -24.27 -3.17 7.20
C ASN B 214 -24.03 -1.70 7.43
N VAL B 215 -25.03 -1.02 7.97
CA VAL B 215 -24.96 0.42 8.16
C VAL B 215 -25.11 0.74 9.64
N ASN B 216 -24.19 1.55 10.15
CA ASN B 216 -24.25 1.99 11.52
C ASN B 216 -24.24 3.51 11.52
N HIS B 217 -25.18 4.09 12.25
CA HIS B 217 -25.23 5.53 12.46
C HIS B 217 -25.34 5.78 13.94
N LYS B 218 -24.21 6.00 14.61
CA LYS B 218 -24.22 6.15 16.07
C LYS B 218 -25.05 7.31 16.59
N PRO B 219 -24.99 8.47 15.92
CA PRO B 219 -25.72 9.65 16.41
C PRO B 219 -27.23 9.42 16.61
N SER B 220 -27.85 8.47 15.90
CA SER B 220 -29.25 8.13 16.15
C SER B 220 -29.36 6.72 16.71
N ASN B 221 -28.22 6.10 16.97
CA ASN B 221 -28.20 4.78 17.60
C ASN B 221 -28.90 3.73 16.72
N THR B 222 -28.75 3.83 15.40
CA THR B 222 -29.33 2.85 14.48
C THR B 222 -28.29 1.97 13.80
N LYS B 223 -28.59 0.68 13.79
CA LYS B 223 -27.84 -0.31 13.05
C LYS B 223 -28.85 -0.97 12.13
N VAL B 224 -28.61 -0.86 10.82
CA VAL B 224 -29.48 -1.42 9.80
C VAL B 224 -28.73 -2.40 8.92
N ASP B 225 -29.42 -3.46 8.52
CA ASP B 225 -28.86 -4.47 7.61
C ASP B 225 -29.82 -4.74 6.43
N LYS B 226 -29.33 -4.59 5.20
CA LYS B 226 -30.14 -4.82 4.00
C LYS B 226 -29.51 -5.84 3.07
N LYS B 227 -30.26 -6.89 2.74
CA LYS B 227 -29.82 -7.89 1.77
C LYS B 227 -30.04 -7.29 0.40
N VAL B 228 -29.05 -7.46 -0.49
CA VAL B 228 -29.17 -6.97 -1.85
C VAL B 228 -29.19 -8.15 -2.80
N GLU B 229 -30.38 -8.47 -3.29
CA GLU B 229 -30.57 -9.60 -4.17
C GLU B 229 -31.02 -9.08 -5.54
N PRO B 230 -30.67 -9.82 -6.61
CA PRO B 230 -30.94 -9.29 -7.95
C PRO B 230 -32.42 -9.18 -8.27
N LYS B 231 -32.70 -8.16 -9.08
CA LYS B 231 -34.03 -7.87 -9.58
C LYS B 231 -33.92 -7.05 -10.86
N ASP C 1 13.48 -35.88 -20.41
CA ASP C 1 13.62 -34.45 -20.36
C ASP C 1 12.95 -33.78 -21.52
N ILE C 2 11.92 -33.02 -21.24
CA ILE C 2 11.51 -31.98 -22.13
C ILE C 2 11.91 -30.77 -21.32
N GLN C 3 12.74 -29.89 -21.88
CA GLN C 3 13.14 -28.75 -21.08
C GLN C 3 12.44 -27.48 -21.56
N LEU C 4 11.99 -26.67 -20.61
CA LEU C 4 11.30 -25.42 -20.92
C LEU C 4 12.15 -24.22 -20.53
N THR C 5 12.06 -23.17 -21.33
CA THR C 5 12.70 -21.90 -21.03
C THR C 5 11.61 -20.86 -21.00
N GLN C 6 11.84 -19.78 -20.27
CA GLN C 6 10.88 -18.70 -20.24
C GLN C 6 11.60 -17.38 -20.48
N SER C 7 10.96 -16.49 -21.23
CA SER C 7 11.49 -15.15 -21.43
C SER C 7 10.35 -14.15 -21.39
N PRO C 8 10.61 -12.95 -20.86
CA PRO C 8 11.89 -12.60 -20.25
C PRO C 8 12.07 -13.34 -18.92
N SER C 9 13.28 -13.39 -18.39
CA SER C 9 13.51 -14.00 -17.08
C SER C 9 12.94 -13.11 -15.95
N SER C 10 12.92 -11.80 -16.18
CA SER C 10 12.31 -10.84 -15.25
C SER C 10 11.72 -9.67 -16.05
N LEU C 11 10.69 -9.06 -15.50
CA LEU C 11 9.91 -8.09 -16.23
C LEU C 11 9.38 -7.02 -15.28
N SER C 12 9.61 -5.77 -15.67
CA SER C 12 9.09 -4.63 -14.92
C SER C 12 7.95 -4.05 -15.70
N ALA C 13 6.85 -3.79 -15.00
CA ALA C 13 5.66 -3.28 -15.66
C ALA C 13 4.88 -2.33 -14.74
N SER C 14 3.96 -1.60 -15.34
CA SER C 14 3.16 -0.61 -14.62
C SER C 14 1.71 -1.03 -14.63
N LEU C 15 0.92 -0.48 -13.72
CA LEU C 15 -0.51 -0.78 -13.70
C LEU C 15 -1.14 -0.48 -15.04
N GLY C 16 -2.03 -1.36 -15.49
CA GLY C 16 -2.74 -1.16 -16.74
C GLY C 16 -1.93 -1.47 -17.99
N ASP C 17 -0.67 -1.89 -17.80
CA ASP C 17 0.16 -2.33 -18.91
C ASP C 17 -0.26 -3.69 -19.44
N LYS C 18 -0.14 -3.88 -20.74
CA LYS C 18 -0.30 -5.19 -21.35
C LYS C 18 1.05 -5.90 -21.31
N VAL C 19 1.05 -7.08 -20.71
CA VAL C 19 2.27 -7.87 -20.50
C VAL C 19 2.15 -9.27 -21.11
N THR C 20 3.26 -9.75 -21.66
CA THR C 20 3.30 -11.03 -22.36
C THR C 20 4.54 -11.80 -21.95
N ILE C 21 4.34 -13.07 -21.64
CA ILE C 21 5.43 -13.95 -21.27
C ILE C 21 5.41 -15.16 -22.18
N THR C 22 6.57 -15.57 -22.67
CA THR C 22 6.63 -16.69 -23.57
C THR C 22 7.34 -17.85 -22.90
N CYS C 23 6.85 -19.03 -23.22
CA CYS C 23 7.44 -20.28 -22.84
C CYS C 23 7.77 -21.04 -24.11
N ARG C 24 8.99 -21.56 -24.14
CA ARG C 24 9.47 -22.35 -25.26
C ARG C 24 9.86 -23.75 -24.79
N ALA C 25 9.35 -24.74 -25.51
CA ALA C 25 9.64 -26.15 -25.21
C ALA C 25 10.69 -26.75 -26.14
N SER C 26 11.46 -27.72 -25.63
CA SER C 26 12.55 -28.34 -26.37
C SER C 26 12.07 -29.29 -27.47
N GLN C 27 10.78 -29.59 -27.49
CA GLN C 27 10.19 -30.37 -28.58
C GLN C 27 8.71 -30.03 -28.66
N HIS C 28 8.04 -30.47 -29.72
CA HIS C 28 6.64 -30.14 -29.90
C HIS C 28 5.82 -30.88 -28.85
N ILE C 29 4.96 -30.14 -28.16
CA ILE C 29 4.14 -30.72 -27.09
C ILE C 29 2.65 -30.62 -27.39
N LYS C 30 2.32 -30.13 -28.58
CA LYS C 30 0.90 -29.85 -28.90
C LYS C 30 0.41 -28.77 -27.91
N LYS C 31 -0.76 -28.98 -27.32
CA LYS C 31 -1.36 -27.99 -26.43
C LYS C 31 -1.11 -28.25 -24.95
N TYR C 32 -0.30 -29.25 -24.64
CA TYR C 32 -0.19 -29.77 -23.26
C TYR C 32 0.69 -28.88 -22.40
N LEU C 33 0.17 -27.69 -22.08
CA LEU C 33 0.91 -26.75 -21.26
C LEU C 33 0.00 -26.01 -20.30
N ASN C 34 0.49 -25.81 -19.08
CA ASN C 34 -0.22 -25.05 -18.06
C ASN C 34 0.56 -23.80 -17.64
N TRP C 35 -0.16 -22.82 -17.12
CA TRP C 35 0.45 -21.62 -16.55
C TRP C 35 0.00 -21.51 -15.11
N TYR C 36 0.98 -21.23 -14.25
CA TYR C 36 0.75 -21.06 -12.81
C TYR C 36 1.24 -19.68 -12.32
N GLN C 37 0.60 -19.19 -11.26
CA GLN C 37 0.99 -17.95 -10.62
C GLN C 37 1.43 -18.28 -9.19
N GLN C 38 2.55 -17.76 -8.75
CA GLN C 38 2.98 -17.93 -7.36
C GLN C 38 3.36 -16.59 -6.71
N LYS C 39 2.76 -16.33 -5.55
CA LYS C 39 3.11 -15.15 -4.75
C LYS C 39 3.95 -15.59 -3.58
N PRO C 40 4.87 -14.71 -3.12
CA PRO C 40 5.78 -15.11 -2.04
C PRO C 40 5.05 -15.60 -0.78
N GLY C 41 5.52 -16.73 -0.25
CA GLY C 41 4.96 -17.36 0.92
C GLY C 41 3.77 -18.29 0.67
N LYS C 42 3.31 -18.36 -0.57
CA LYS C 42 2.07 -19.08 -0.88
C LYS C 42 2.28 -20.17 -1.91
N ALA C 43 1.36 -21.13 -1.92
CA ALA C 43 1.41 -22.21 -2.89
C ALA C 43 0.94 -21.64 -4.22
N PRO C 44 1.47 -22.20 -5.33
CA PRO C 44 1.07 -21.72 -6.65
C PRO C 44 -0.41 -21.93 -6.98
N LYS C 45 -0.91 -21.13 -7.92
CA LYS C 45 -2.30 -21.13 -8.33
C LYS C 45 -2.36 -21.35 -9.83
N LEU C 46 -3.20 -22.30 -10.25
CA LEU C 46 -3.35 -22.67 -11.65
C LEU C 46 -4.14 -21.62 -12.38
N LEU C 47 -3.62 -21.15 -13.51
CA LEU C 47 -4.27 -20.12 -14.31
C LEU C 47 -4.86 -20.69 -15.56
N ILE C 48 -4.06 -21.49 -16.24
CA ILE C 48 -4.39 -21.94 -17.57
C ILE C 48 -3.99 -23.39 -17.76
N TYR C 49 -4.85 -24.14 -18.44
CA TYR C 49 -4.53 -25.52 -18.76
C TYR C 49 -4.78 -25.77 -20.24
N GLY C 50 -4.02 -26.70 -20.79
CA GLY C 50 -4.16 -27.04 -22.20
C GLY C 50 -3.84 -25.84 -23.06
N ALA C 51 -2.88 -25.03 -22.60
CA ALA C 51 -2.39 -23.84 -23.31
C ALA C 51 -3.37 -22.69 -23.44
N LEU C 52 -4.66 -22.98 -23.58
CA LEU C 52 -5.65 -21.96 -23.98
C LEU C 52 -6.79 -21.78 -22.97
N ASN C 53 -6.94 -22.72 -22.05
CA ASN C 53 -8.13 -22.72 -21.22
C ASN C 53 -7.90 -22.05 -19.90
N LEU C 54 -8.78 -21.12 -19.59
CA LEU C 54 -8.73 -20.40 -18.35
C LEU C 54 -9.42 -21.24 -17.28
N GLN C 55 -8.73 -21.47 -16.17
CA GLN C 55 -9.31 -22.11 -14.99
C GLN C 55 -10.42 -21.24 -14.42
N SER C 56 -11.47 -21.85 -13.90
CA SER C 56 -12.57 -21.09 -13.30
C SER C 56 -12.09 -20.34 -12.05
N GLY C 57 -12.55 -19.11 -11.87
CA GLY C 57 -12.12 -18.27 -10.76
C GLY C 57 -10.95 -17.37 -11.12
N VAL C 58 -10.45 -17.53 -12.34
CA VAL C 58 -9.33 -16.72 -12.84
C VAL C 58 -9.87 -15.61 -13.72
N PRO C 59 -9.44 -14.36 -13.48
CA PRO C 59 -9.95 -13.23 -14.28
C PRO C 59 -9.62 -13.36 -15.76
N SER C 60 -10.50 -12.83 -16.60
CA SER C 60 -10.37 -12.94 -18.04
C SER C 60 -9.22 -12.12 -18.65
N ARG C 61 -8.64 -11.18 -17.90
CA ARG C 61 -7.48 -10.43 -18.38
C ARG C 61 -6.27 -11.37 -18.58
N PHE C 62 -6.33 -12.55 -17.97
CA PHE C 62 -5.36 -13.60 -18.24
C PHE C 62 -5.79 -14.36 -19.48
N SER C 63 -4.84 -14.73 -20.34
CA SER C 63 -5.14 -15.49 -21.54
C SER C 63 -3.94 -16.32 -22.00
N GLY C 64 -4.22 -17.49 -22.58
CA GLY C 64 -3.19 -18.35 -23.10
C GLY C 64 -3.33 -18.53 -24.60
N ARG C 65 -2.18 -18.57 -25.28
CA ARG C 65 -2.08 -18.85 -26.70
C ARG C 65 -0.88 -19.78 -26.95
N GLY C 66 -0.89 -20.48 -28.07
CA GLY C 66 0.26 -21.27 -28.45
C GLY C 66 -0.09 -22.70 -28.76
N SER C 67 0.81 -23.36 -29.48
CA SER C 67 0.74 -24.79 -29.69
C SER C 67 2.09 -25.22 -30.26
N GLY C 68 2.55 -26.41 -29.87
CA GLY C 68 3.78 -26.94 -30.43
C GLY C 68 4.97 -26.66 -29.54
N THR C 69 5.72 -25.62 -29.92
CA THR C 69 6.93 -25.23 -29.19
C THR C 69 6.77 -23.85 -28.55
N ASP C 70 5.84 -23.03 -29.05
CA ASP C 70 5.69 -21.62 -28.61
C ASP C 70 4.39 -21.35 -27.91
N PHE C 71 4.48 -20.76 -26.72
CA PHE C 71 3.29 -20.45 -25.94
C PHE C 71 3.44 -19.09 -25.34
N THR C 72 2.34 -18.38 -25.14
CA THR C 72 2.36 -17.10 -24.47
C THR C 72 1.26 -17.00 -23.43
N LEU C 73 1.57 -16.33 -22.33
CA LEU C 73 0.59 -15.93 -21.34
C LEU C 73 0.55 -14.41 -21.42
N THR C 74 -0.64 -13.85 -21.54
CA THR C 74 -0.80 -12.42 -21.67
C THR C 74 -1.73 -11.92 -20.58
N ILE C 75 -1.34 -10.83 -19.94
CA ILE C 75 -2.21 -10.12 -19.04
C ILE C 75 -2.47 -8.78 -19.69
N SER C 76 -3.74 -8.55 -20.02
CA SER C 76 -4.13 -7.44 -20.87
C SER C 76 -4.02 -6.07 -20.17
N SER C 77 -4.39 -6.00 -18.90
CA SER C 77 -4.17 -4.76 -18.14
C SER C 77 -3.80 -5.12 -16.71
N LEU C 78 -2.53 -4.93 -16.39
CA LEU C 78 -1.98 -5.38 -15.12
C LEU C 78 -2.64 -4.68 -13.91
N GLN C 79 -3.05 -5.48 -12.93
CA GLN C 79 -3.63 -5.03 -11.66
C GLN C 79 -2.66 -5.36 -10.53
N PRO C 80 -2.81 -4.71 -9.36
CA PRO C 80 -1.83 -4.86 -8.27
C PRO C 80 -1.66 -6.30 -7.79
N GLU C 81 -2.69 -7.13 -7.94
CA GLU C 81 -2.63 -8.53 -7.52
C GLU C 81 -1.84 -9.40 -8.50
N ASP C 82 -1.49 -8.85 -9.67
CA ASP C 82 -0.84 -9.63 -10.73
C ASP C 82 0.67 -9.60 -10.63
N PHE C 83 1.19 -8.87 -9.64
CA PHE C 83 2.62 -8.75 -9.49
C PHE C 83 3.08 -9.99 -8.74
N ALA C 84 3.44 -11.02 -9.51
CA ALA C 84 3.83 -12.32 -8.95
C ALA C 84 4.64 -13.13 -9.96
N THR C 85 5.33 -14.16 -9.48
CA THR C 85 6.07 -15.07 -10.35
C THR C 85 5.13 -15.96 -11.16
N TYR C 86 5.47 -16.18 -12.43
CA TYR C 86 4.67 -17.00 -13.33
C TYR C 86 5.50 -18.17 -13.85
N TYR C 87 4.92 -19.37 -13.76
CA TYR C 87 5.58 -20.61 -14.16
C TYR C 87 4.79 -21.30 -15.27
N CYS C 88 5.48 -21.79 -16.28
CA CYS C 88 4.84 -22.66 -17.26
C CYS C 88 5.18 -24.10 -16.87
N GLN C 89 4.34 -25.04 -17.29
CA GLN C 89 4.57 -26.47 -17.05
C GLN C 89 4.05 -27.29 -18.25
N GLN C 90 4.86 -28.21 -18.75
CA GLN C 90 4.41 -29.10 -19.82
C GLN C 90 3.81 -30.37 -19.20
N SER C 91 2.72 -30.83 -19.78
CA SER C 91 2.03 -32.04 -19.31
C SER C 91 1.94 -33.08 -20.41
N TYR C 92 2.89 -33.04 -21.33
CA TYR C 92 2.93 -33.93 -22.48
C TYR C 92 3.47 -35.29 -22.09
N SER C 93 4.57 -35.28 -21.35
CA SER C 93 5.25 -36.50 -20.99
C SER C 93 5.88 -36.35 -19.61
N THR C 94 5.86 -37.41 -18.81
CA THR C 94 6.50 -37.37 -17.50
C THR C 94 8.01 -37.48 -17.67
N PRO C 95 8.79 -36.76 -16.83
CA PRO C 95 8.41 -35.83 -15.75
C PRO C 95 7.74 -34.54 -16.23
N PHE C 96 6.71 -34.10 -15.51
CA PHE C 96 5.94 -32.91 -15.88
C PHE C 96 6.66 -31.62 -15.43
N THR C 97 7.70 -31.25 -16.18
CA THR C 97 8.62 -30.20 -15.79
C THR C 97 8.05 -28.78 -15.77
N PHE C 98 8.43 -28.05 -14.74
CA PHE C 98 8.17 -26.62 -14.65
C PHE C 98 9.27 -25.84 -15.35
N GLY C 99 8.88 -24.78 -16.04
CA GLY C 99 9.84 -23.82 -16.56
C GLY C 99 10.48 -23.06 -15.41
N PRO C 100 11.50 -22.27 -15.72
CA PRO C 100 12.31 -21.63 -14.69
C PRO C 100 11.60 -20.52 -13.92
N GLY C 101 10.56 -19.94 -14.52
CA GLY C 101 9.83 -18.86 -13.87
C GLY C 101 10.20 -17.49 -14.43
N THR C 102 9.25 -16.55 -14.39
CA THR C 102 9.53 -15.16 -14.68
C THR C 102 8.83 -14.28 -13.63
N LYS C 103 9.59 -13.40 -13.00
CA LYS C 103 9.04 -12.54 -11.97
C LYS C 103 8.61 -11.23 -12.61
N VAL C 104 7.36 -10.84 -12.37
CA VAL C 104 6.84 -9.57 -12.82
C VAL C 104 6.79 -8.65 -11.61
N ASP C 105 7.70 -7.67 -11.59
CA ASP C 105 7.78 -6.69 -10.50
C ASP C 105 7.33 -5.30 -10.97
N ILE C 106 7.34 -4.35 -10.05
CA ILE C 106 6.72 -3.06 -10.31
C ILE C 106 7.75 -2.06 -10.83
N LYS C 107 7.45 -1.46 -11.96
CA LYS C 107 8.35 -0.47 -12.56
C LYS C 107 8.26 0.90 -11.88
N ARG C 108 9.41 1.54 -11.75
CA ARG C 108 9.47 2.92 -11.33
C ARG C 108 10.77 3.52 -11.85
N THR C 109 10.90 4.85 -11.75
CA THR C 109 12.10 5.55 -12.16
C THR C 109 13.32 5.10 -11.35
N VAL C 110 14.49 5.13 -11.97
CA VAL C 110 15.72 4.68 -11.33
C VAL C 110 15.97 5.44 -10.02
N ALA C 111 16.43 4.69 -9.03
CA ALA C 111 16.78 5.24 -7.72
C ALA C 111 18.09 4.63 -7.31
N ALA C 112 19.07 5.49 -7.05
CA ALA C 112 20.38 5.04 -6.64
C ALA C 112 20.29 4.61 -5.18
N PRO C 113 21.11 3.62 -4.79
CA PRO C 113 21.12 3.24 -3.38
C PRO C 113 21.95 4.18 -2.54
N SER C 114 21.54 4.39 -1.30
CA SER C 114 22.43 4.93 -0.28
C SER C 114 23.25 3.76 0.22
N VAL C 115 24.57 3.95 0.35
CA VAL C 115 25.45 2.88 0.80
C VAL C 115 26.04 3.17 2.18
N PHE C 116 25.96 2.19 3.08
CA PHE C 116 26.52 2.32 4.42
C PHE C 116 27.34 1.08 4.72
N ILE C 117 28.43 1.26 5.44
CA ILE C 117 29.27 0.14 5.87
C ILE C 117 29.35 0.12 7.39
N PHE C 118 29.42 -1.08 7.94
CA PHE C 118 29.45 -1.27 9.39
C PHE C 118 30.58 -2.24 9.76
N PRO C 119 31.54 -1.77 10.57
CA PRO C 119 32.60 -2.70 11.00
C PRO C 119 32.10 -3.63 12.11
N PRO C 120 32.89 -4.65 12.46
CA PRO C 120 32.46 -5.57 13.53
C PRO C 120 32.43 -4.88 14.88
N SER C 121 31.38 -5.16 15.66
CA SER C 121 31.29 -4.66 17.02
C SER C 121 32.32 -5.38 17.88
N ASP C 122 32.77 -4.73 18.94
CA ASP C 122 33.75 -5.33 19.83
C ASP C 122 33.16 -6.59 20.44
N GLU C 123 31.89 -6.52 20.79
CA GLU C 123 31.20 -7.66 21.39
C GLU C 123 31.29 -8.92 20.53
N GLN C 124 31.18 -8.77 19.21
CA GLN C 124 31.24 -9.92 18.32
C GLN C 124 32.63 -10.53 18.33
N LEU C 125 33.65 -9.69 18.46
CA LEU C 125 35.02 -10.18 18.39
C LEU C 125 35.41 -11.09 19.55
N LYS C 126 34.70 -10.99 20.67
CA LYS C 126 34.92 -11.94 21.76
C LYS C 126 34.71 -13.38 21.27
N SER C 127 33.94 -13.53 20.19
CA SER C 127 33.52 -14.84 19.69
C SER C 127 34.44 -15.48 18.63
N GLY C 128 35.51 -14.79 18.26
CA GLY C 128 36.48 -15.34 17.31
C GLY C 128 36.10 -15.15 15.85
N THR C 129 34.91 -14.61 15.62
CA THR C 129 34.45 -14.30 14.27
C THR C 129 34.19 -12.80 14.10
N ALA C 130 34.30 -12.31 12.87
CA ALA C 130 34.09 -10.89 12.59
C ALA C 130 33.29 -10.67 11.31
N SER C 131 32.13 -10.05 11.45
CA SER C 131 31.28 -9.75 10.31
C SER C 131 31.29 -8.26 10.06
N VAL C 132 31.62 -7.89 8.82
CA VAL C 132 31.53 -6.51 8.36
C VAL C 132 30.42 -6.47 7.33
N VAL C 133 29.55 -5.48 7.47
CA VAL C 133 28.30 -5.43 6.73
C VAL C 133 28.21 -4.18 5.88
N CYS C 134 27.80 -4.37 4.62
CA CYS C 134 27.51 -3.27 3.71
C CYS C 134 26.01 -3.28 3.42
N LEU C 135 25.40 -2.11 3.51
CA LEU C 135 23.98 -1.99 3.26
C LEU C 135 23.69 -1.06 2.08
N LEU C 136 22.85 -1.50 1.17
CA LEU C 136 22.30 -0.68 0.13
C LEU C 136 20.86 -0.42 0.39
N ASN C 137 20.49 0.84 0.58
CA ASN C 137 19.11 1.16 0.95
C ASN C 137 18.32 1.85 -0.14
N ASN C 138 17.16 1.27 -0.46
CA ASN C 138 16.19 1.88 -1.34
C ASN C 138 16.57 2.21 -2.79
N PHE C 139 16.95 1.19 -3.54
CA PHE C 139 17.33 1.33 -4.95
C PHE C 139 16.48 0.52 -5.94
N TYR C 140 16.47 0.96 -7.21
CA TYR C 140 15.75 0.31 -8.27
C TYR C 140 16.46 0.65 -9.56
N PRO C 141 16.65 -0.32 -10.45
CA PRO C 141 16.20 -1.71 -10.46
C PRO C 141 16.91 -2.61 -9.44
N ARG C 142 16.53 -3.87 -9.47
CA ARG C 142 17.03 -4.88 -8.54
C ARG C 142 18.50 -5.19 -8.78
N GLU C 143 18.93 -5.04 -10.03
CA GLU C 143 20.24 -5.50 -10.42
C GLU C 143 21.32 -4.64 -9.77
N ALA C 144 22.26 -5.29 -9.10
CA ALA C 144 23.32 -4.57 -8.39
C ALA C 144 24.54 -5.45 -8.22
N LYS C 145 25.68 -4.79 -8.04
CA LYS C 145 26.93 -5.50 -7.87
C LYS C 145 27.64 -4.97 -6.63
N VAL C 146 28.00 -5.90 -5.73
CA VAL C 146 28.70 -5.54 -4.50
C VAL C 146 30.01 -6.31 -4.39
N GLN C 147 31.11 -5.58 -4.33
CA GLN C 147 32.43 -6.18 -4.20
C GLN C 147 33.13 -5.73 -2.95
N TRP C 148 33.67 -6.71 -2.22
CA TRP C 148 34.45 -6.42 -1.02
C TRP C 148 35.93 -6.32 -1.37
N LYS C 149 36.60 -5.32 -0.79
CA LYS C 149 38.03 -5.14 -0.98
C LYS C 149 38.68 -4.96 0.39
N VAL C 150 39.72 -5.77 0.66
CA VAL C 150 40.52 -5.62 1.89
C VAL C 150 42.02 -5.47 1.58
N ASP C 151 42.63 -4.39 2.08
CA ASP C 151 43.96 -3.95 1.62
C ASP C 151 44.01 -3.92 0.08
N ASN C 152 42.92 -3.43 -0.53
CA ASN C 152 42.78 -3.33 -1.98
C ASN C 152 42.74 -4.68 -2.70
N ALA C 153 42.79 -5.76 -1.92
CA ALA C 153 42.71 -7.11 -2.49
C ALA C 153 41.23 -7.50 -2.60
N LEU C 154 40.82 -7.91 -3.79
CA LEU C 154 39.44 -8.33 -4.02
C LEU C 154 39.14 -9.66 -3.34
N GLN C 155 38.03 -9.70 -2.59
CA GLN C 155 37.65 -10.90 -1.84
C GLN C 155 36.58 -11.68 -2.60
N SER C 156 36.52 -12.98 -2.33
CA SER C 156 35.54 -13.84 -3.01
C SER C 156 35.29 -15.13 -2.26
N GLY C 157 34.03 -15.57 -2.26
CA GLY C 157 33.62 -16.79 -1.59
C GLY C 157 33.45 -16.64 -0.08
N ASN C 158 33.55 -15.42 0.42
CA ASN C 158 33.47 -15.14 1.84
C ASN C 158 32.47 -14.03 2.17
N SER C 159 31.53 -13.83 1.25
CA SER C 159 30.49 -12.82 1.43
C SER C 159 29.13 -13.45 1.11
N GLN C 160 28.05 -12.86 1.65
CA GLN C 160 26.70 -13.31 1.35
C GLN C 160 25.76 -12.12 1.22
N GLU C 161 24.91 -12.17 0.19
CA GLU C 161 23.92 -11.13 -0.06
C GLU C 161 22.53 -11.58 0.38
N SER C 162 21.75 -10.61 0.84
CA SER C 162 20.37 -10.84 1.21
C SER C 162 19.62 -9.61 0.75
N VAL C 163 18.46 -9.84 0.13
CA VAL C 163 17.66 -8.75 -0.42
C VAL C 163 16.21 -8.84 0.07
N THR C 164 15.59 -7.69 0.29
CA THR C 164 14.19 -7.64 0.65
C THR C 164 13.28 -7.83 -0.58
N GLU C 165 12.00 -8.10 -0.33
CA GLU C 165 11.00 -8.04 -1.39
C GLU C 165 10.82 -6.58 -1.73
N GLN C 166 10.29 -6.30 -2.91
CA GLN C 166 10.06 -4.95 -3.35
C GLN C 166 9.08 -4.28 -2.40
N ASP C 167 9.40 -3.07 -1.94
CA ASP C 167 8.56 -2.34 -0.98
C ASP C 167 7.19 -2.03 -1.60
N SER C 168 6.15 -2.19 -0.80
CA SER C 168 4.79 -1.97 -1.27
C SER C 168 4.56 -0.49 -1.59
N LYS C 169 5.13 0.40 -0.76
CA LYS C 169 4.92 1.84 -0.92
C LYS C 169 5.79 2.55 -1.95
N ASP C 170 7.11 2.35 -1.94
CA ASP C 170 7.98 3.08 -2.88
C ASP C 170 8.64 2.21 -3.98
N SER C 171 8.26 0.94 -4.04
CA SER C 171 8.69 0.04 -5.10
C SER C 171 10.22 -0.11 -5.24
N THR C 172 10.93 -0.11 -4.10
CA THR C 172 12.38 -0.26 -4.11
C THR C 172 12.83 -1.53 -3.39
N TYR C 173 14.11 -1.83 -3.51
CA TYR C 173 14.73 -2.95 -2.83
C TYR C 173 15.78 -2.43 -1.86
N SER C 174 16.11 -3.24 -0.87
CA SER C 174 17.27 -2.97 -0.03
C SER C 174 18.03 -4.27 0.09
N LEU C 175 19.32 -4.14 0.31
CA LEU C 175 20.20 -5.26 0.21
C LEU C 175 21.31 -5.16 1.24
N SER C 176 21.62 -6.29 1.87
CA SER C 176 22.75 -6.36 2.79
C SER C 176 23.79 -7.34 2.26
N SER C 177 25.05 -6.95 2.33
CA SER C 177 26.16 -7.82 1.99
C SER C 177 27.04 -7.98 3.21
N THR C 178 27.36 -9.23 3.53
CA THR C 178 28.04 -9.56 4.77
C THR C 178 29.29 -10.37 4.52
N LEU C 179 30.42 -9.71 4.75
CA LEU C 179 31.72 -10.34 4.66
C LEU C 179 32.07 -10.92 6.03
N THR C 180 32.29 -12.23 6.07
CA THR C 180 32.61 -12.91 7.33
C THR C 180 34.06 -13.37 7.33
N LEU C 181 34.75 -13.08 8.43
CA LEU C 181 36.16 -13.42 8.57
C LEU C 181 36.45 -13.84 10.00
N SER C 182 37.45 -14.70 10.17
CA SER C 182 37.91 -15.06 11.49
C SER C 182 38.51 -13.79 12.11
N LYS C 183 38.51 -13.71 13.43
CA LYS C 183 39.09 -12.54 14.11
C LYS C 183 40.58 -12.39 13.77
N ALA C 184 41.26 -13.51 13.54
CA ALA C 184 42.68 -13.48 13.21
C ALA C 184 42.98 -12.82 11.86
N ASP C 185 42.22 -13.20 10.83
CA ASP C 185 42.38 -12.58 9.52
C ASP C 185 42.02 -11.10 9.60
N TYR C 186 40.97 -10.82 10.36
CA TYR C 186 40.42 -9.47 10.51
C TYR C 186 41.44 -8.51 11.10
N GLU C 187 42.16 -8.95 12.15
CA GLU C 187 43.20 -8.16 12.79
C GLU C 187 44.46 -8.05 11.92
N LYS C 188 44.69 -9.04 11.07
CA LYS C 188 45.82 -9.04 10.16
C LYS C 188 45.80 -7.84 9.20
N HIS C 189 44.61 -7.51 8.71
CA HIS C 189 44.46 -6.46 7.70
C HIS C 189 44.03 -5.11 8.28
N LYS C 190 43.94 -4.08 7.45
CA LYS C 190 43.69 -2.74 7.97
C LYS C 190 42.57 -1.98 7.32
N VAL C 191 42.50 -2.00 6.00
CA VAL C 191 41.44 -1.27 5.31
C VAL C 191 40.38 -2.19 4.72
N TYR C 192 39.10 -1.86 4.98
CA TYR C 192 37.96 -2.62 4.49
C TYR C 192 37.00 -1.75 3.70
N ALA C 193 36.64 -2.20 2.51
CA ALA C 193 35.76 -1.43 1.63
C ALA C 193 34.73 -2.30 0.94
N CYS C 194 33.56 -1.71 0.68
CA CYS C 194 32.59 -2.31 -0.22
C CYS C 194 32.35 -1.38 -1.41
N GLU C 195 32.45 -1.95 -2.60
CA GLU C 195 32.28 -1.19 -3.84
C GLU C 195 30.96 -1.58 -4.50
N VAL C 196 30.15 -0.57 -4.83
CA VAL C 196 28.82 -0.80 -5.36
C VAL C 196 28.62 -0.23 -6.76
N THR C 197 28.09 -1.07 -7.64
CA THR C 197 27.80 -0.67 -9.01
C THR C 197 26.32 -0.84 -9.28
N HIS C 198 25.70 0.23 -9.74
CA HIS C 198 24.26 0.25 -9.98
C HIS C 198 23.94 1.28 -11.05
N GLN C 199 22.90 0.99 -11.82
CA GLN C 199 22.49 1.82 -12.95
C GLN C 199 22.37 3.31 -12.63
N GLY C 200 21.80 3.59 -11.47
CA GLY C 200 21.59 4.97 -11.04
C GLY C 200 22.85 5.64 -10.50
N LEU C 201 23.98 4.97 -10.63
CA LEU C 201 25.28 5.56 -10.34
C LEU C 201 26.10 5.68 -11.63
N SER C 202 26.51 6.90 -11.98
CA SER C 202 27.33 7.11 -13.18
C SER C 202 28.70 6.50 -12.99
N SER C 203 29.09 6.39 -11.73
CA SER C 203 30.40 5.89 -11.35
C SER C 203 30.17 5.02 -10.12
N PRO C 204 30.78 3.81 -10.08
CA PRO C 204 30.72 2.95 -8.89
C PRO C 204 31.16 3.65 -7.60
N VAL C 205 30.39 3.46 -6.54
CA VAL C 205 30.59 4.16 -5.28
C VAL C 205 31.27 3.24 -4.28
N THR C 206 32.11 3.82 -3.43
CA THR C 206 32.88 3.07 -2.45
C THR C 206 32.68 3.66 -1.05
N LYS C 207 32.44 2.77 -0.09
CA LYS C 207 32.43 3.14 1.32
C LYS C 207 33.46 2.26 2.00
N SER C 208 34.18 2.81 2.96
CA SER C 208 35.28 2.09 3.59
C SER C 208 35.52 2.55 5.01
N PHE C 209 36.35 1.80 5.72
CA PHE C 209 36.84 2.23 7.03
C PHE C 209 38.24 1.70 7.25
N ASN C 210 39.06 2.48 7.95
CA ASN C 210 40.37 2.01 8.36
C ASN C 210 40.26 1.54 9.80
N ARG C 211 40.77 0.33 10.05
CA ARG C 211 40.62 -0.31 11.35
C ARG C 211 41.40 0.40 12.46
N GLY C 212 42.17 1.43 12.10
CA GLY C 212 42.97 2.18 13.06
C GLY C 212 42.70 3.68 13.08
N GLU C 213 41.46 4.07 12.78
CA GLU C 213 41.04 5.48 12.79
C GLU C 213 39.64 5.63 13.34
N ASP D 1 -6.88 43.97 -0.69
CA ASP D 1 -6.58 42.65 -0.10
C ASP D 1 -5.41 42.11 -0.89
N ILE D 2 -4.70 41.13 -0.35
CA ILE D 2 -3.67 40.43 -1.09
C ILE D 2 -4.19 39.04 -1.48
N GLN D 3 -4.14 38.74 -2.77
CA GLN D 3 -4.67 37.47 -3.28
C GLN D 3 -3.58 36.62 -3.92
N LEU D 4 -3.56 35.33 -3.57
CA LEU D 4 -2.52 34.44 -4.07
C LEU D 4 -3.14 33.45 -5.02
N THR D 5 -2.40 33.09 -6.06
CA THR D 5 -2.81 32.02 -6.97
C THR D 5 -1.74 30.94 -7.01
N GLN D 6 -2.14 29.72 -7.32
CA GLN D 6 -1.19 28.62 -7.44
C GLN D 6 -1.46 27.91 -8.74
N SER D 7 -0.40 27.52 -9.43
CA SER D 7 -0.53 26.70 -10.63
C SER D 7 0.52 25.61 -10.61
N PRO D 8 0.19 24.40 -11.08
CA PRO D 8 -1.16 24.04 -11.54
C PRO D 8 -2.09 23.88 -10.33
N SER D 9 -3.40 23.84 -10.55
CA SER D 9 -4.37 23.57 -9.47
C SER D 9 -4.33 22.10 -9.05
N SER D 10 -3.92 21.25 -9.98
CA SER D 10 -3.75 19.83 -9.71
C SER D 10 -2.59 19.30 -10.56
N LEU D 11 -1.94 18.28 -10.06
CA LEU D 11 -0.72 17.80 -10.65
C LEU D 11 -0.63 16.31 -10.43
N SER D 12 -0.36 15.57 -11.49
CA SER D 12 -0.15 14.14 -11.40
C SER D 12 1.34 13.86 -11.54
N ALA D 13 1.89 13.04 -10.65
CA ALA D 13 3.31 12.71 -10.68
C ALA D 13 3.62 11.27 -10.26
N SER D 14 4.84 10.84 -10.58
CA SER D 14 5.31 9.51 -10.26
C SER D 14 6.42 9.57 -9.24
N LEU D 15 6.65 8.45 -8.57
CA LEU D 15 7.73 8.36 -7.58
C LEU D 15 9.06 8.76 -8.21
N GLY D 16 9.87 9.50 -7.45
CA GLY D 16 11.19 9.91 -7.91
C GLY D 16 11.14 11.08 -8.88
N ASP D 17 9.94 11.56 -9.23
CA ASP D 17 9.80 12.74 -10.08
C ASP D 17 10.19 14.02 -9.35
N LYS D 18 10.79 14.95 -10.09
CA LYS D 18 11.01 16.31 -9.62
C LYS D 18 9.75 17.10 -9.94
N VAL D 19 9.17 17.75 -8.94
CA VAL D 19 7.90 18.45 -9.14
C VAL D 19 7.93 19.88 -8.59
N THR D 20 7.24 20.80 -9.27
CA THR D 20 7.31 22.22 -8.96
C THR D 20 5.93 22.85 -8.89
N ILE D 21 5.71 23.62 -7.83
CA ILE D 21 4.45 24.33 -7.63
C ILE D 21 4.80 25.79 -7.47
N THR D 22 4.05 26.65 -8.14
CA THR D 22 4.30 28.08 -8.10
C THR D 22 3.17 28.79 -7.36
N CYS D 23 3.52 29.86 -6.64
CA CYS D 23 2.54 30.72 -6.00
C CYS D 23 2.78 32.13 -6.51
N ARG D 24 1.71 32.87 -6.82
CA ARG D 24 1.83 34.22 -7.35
C ARG D 24 1.03 35.18 -6.47
N ALA D 25 1.68 36.24 -5.97
CA ALA D 25 0.99 37.20 -5.13
C ALA D 25 0.56 38.38 -5.99
N SER D 26 -0.56 38.97 -5.60
CA SER D 26 -1.18 40.08 -6.31
C SER D 26 -0.41 41.40 -6.06
N GLN D 27 0.56 41.36 -5.14
CA GLN D 27 1.47 42.48 -4.92
C GLN D 27 2.80 41.99 -4.30
N HIS D 28 3.75 42.84 -4.08
CA HIS D 28 5.07 42.42 -3.77
C HIS D 28 5.18 42.07 -2.31
N ILE D 29 5.60 40.86 -1.97
CA ILE D 29 5.64 40.35 -0.60
C ILE D 29 7.05 40.17 -0.02
N LYS D 30 8.08 40.52 -0.78
CA LYS D 30 9.46 40.26 -0.32
C LYS D 30 9.63 38.77 -0.07
N LYS D 31 10.16 38.40 1.08
CA LYS D 31 10.41 37.00 1.42
C LYS D 31 9.29 36.39 2.27
N TYR D 32 8.24 37.15 2.53
CA TYR D 32 7.20 36.71 3.47
C TYR D 32 6.18 35.76 2.85
N LEU D 33 6.61 34.52 2.65
CA LEU D 33 5.73 33.46 2.17
C LEU D 33 6.08 32.13 2.83
N ASN D 34 5.04 31.39 3.19
CA ASN D 34 5.21 30.06 3.78
C ASN D 34 4.58 29.04 2.88
N TRP D 35 5.03 27.79 3.01
CA TRP D 35 4.42 26.65 2.34
C TRP D 35 3.98 25.61 3.34
N TYR D 36 2.76 25.11 3.15
CA TYR D 36 2.18 24.08 4.02
C TYR D 36 1.79 22.81 3.24
N GLN D 37 1.79 21.68 3.94
CA GLN D 37 1.33 20.40 3.37
C GLN D 37 0.15 19.92 4.18
N GLN D 38 -0.91 19.49 3.50
CA GLN D 38 -2.04 18.89 4.19
C GLN D 38 -2.46 17.57 3.58
N LYS D 39 -2.64 16.59 4.45
CA LYS D 39 -3.20 15.30 4.06
C LYS D 39 -4.63 15.18 4.57
N PRO D 40 -5.48 14.43 3.84
CA PRO D 40 -6.90 14.33 4.22
C PRO D 40 -7.11 13.83 5.66
N GLY D 41 -8.02 14.48 6.39
CA GLY D 41 -8.24 14.12 7.78
C GLY D 41 -7.25 14.73 8.76
N LYS D 42 -6.25 15.45 8.25
CA LYS D 42 -5.14 15.94 9.08
C LYS D 42 -4.99 17.46 9.04
N ALA D 43 -4.33 18.00 10.07
CA ALA D 43 -4.02 19.42 10.10
C ALA D 43 -2.82 19.66 9.20
N PRO D 44 -2.77 20.82 8.53
CA PRO D 44 -1.62 21.13 7.67
C PRO D 44 -0.31 21.14 8.46
N LYS D 45 0.81 20.96 7.76
CA LYS D 45 2.14 20.87 8.36
C LYS D 45 3.05 21.90 7.68
N LEU D 46 3.78 22.68 8.48
CA LEU D 46 4.65 23.73 7.94
C LEU D 46 5.92 23.13 7.34
N LEU D 47 6.22 23.53 6.10
CA LEU D 47 7.41 23.03 5.40
C LEU D 47 8.45 24.11 5.33
N ILE D 48 8.01 25.29 4.93
CA ILE D 48 8.92 26.33 4.55
C ILE D 48 8.40 27.65 5.04
N TYR D 49 9.31 28.47 5.54
CA TYR D 49 9.00 29.82 5.99
C TYR D 49 10.01 30.80 5.40
N GLY D 50 9.61 32.06 5.20
CA GLY D 50 10.51 33.07 4.66
C GLY D 50 10.97 32.74 3.26
N ALA D 51 10.06 32.12 2.50
CA ALA D 51 10.27 31.73 1.10
C ALA D 51 11.31 30.61 0.91
N LEU D 52 12.34 30.59 1.74
CA LEU D 52 13.51 29.76 1.47
C LEU D 52 13.87 28.79 2.58
N ASN D 53 13.36 28.99 3.79
CA ASN D 53 13.85 28.26 4.95
C ASN D 53 13.03 27.03 5.30
N LEU D 54 13.76 25.93 5.48
CA LEU D 54 13.15 24.65 5.76
C LEU D 54 12.88 24.57 7.24
N GLN D 55 11.65 24.25 7.61
CA GLN D 55 11.30 24.00 9.00
C GLN D 55 12.07 22.76 9.47
N SER D 56 12.44 22.72 10.76
CA SER D 56 13.14 21.55 11.29
C SER D 56 12.23 20.32 11.22
N GLY D 57 12.81 19.17 10.87
CA GLY D 57 12.06 17.93 10.73
C GLY D 57 11.57 17.68 9.31
N VAL D 58 11.80 18.65 8.44
CA VAL D 58 11.34 18.55 7.06
C VAL D 58 12.49 18.09 6.20
N PRO D 59 12.28 17.06 5.38
CA PRO D 59 13.38 16.55 4.53
C PRO D 59 13.91 17.58 3.50
N SER D 60 15.21 17.52 3.15
CA SER D 60 15.86 18.46 2.22
C SER D 60 15.44 18.33 0.73
N ARG D 61 14.73 17.28 0.37
CA ARG D 61 14.20 17.19 -1.00
C ARG D 61 13.18 18.30 -1.24
N PHE D 62 12.67 18.89 -0.15
CA PHE D 62 11.80 20.07 -0.22
C PHE D 62 12.64 21.36 -0.24
N SER D 63 12.28 22.29 -1.12
CA SER D 63 12.98 23.56 -1.21
C SER D 63 12.04 24.63 -1.75
N GLY D 64 12.25 25.85 -1.27
CA GLY D 64 11.47 27.00 -1.70
C GLY D 64 12.36 28.05 -2.34
N ARG D 65 11.84 28.72 -3.34
CA ARG D 65 12.56 29.82 -3.98
C ARG D 65 11.62 30.96 -4.33
N GLY D 66 12.19 32.15 -4.48
CA GLY D 66 11.41 33.29 -4.96
C GLY D 66 11.52 34.47 -4.02
N SER D 67 11.21 35.64 -4.55
CA SER D 67 11.03 36.84 -3.75
C SER D 67 10.28 37.84 -4.61
N GLY D 68 9.37 38.59 -3.99
CA GLY D 68 8.55 39.56 -4.69
C GLY D 68 7.13 39.09 -4.92
N THR D 69 6.86 38.61 -6.14
CA THR D 69 5.51 38.13 -6.48
C THR D 69 5.46 36.66 -6.84
N ASP D 70 6.59 36.09 -7.27
CA ASP D 70 6.63 34.71 -7.78
C ASP D 70 7.48 33.80 -6.87
N PHE D 71 6.89 32.68 -6.47
CA PHE D 71 7.52 31.74 -5.53
C PHE D 71 7.31 30.34 -6.04
N THR D 72 8.22 29.45 -5.69
CA THR D 72 8.08 28.06 -6.07
C THR D 72 8.43 27.16 -4.90
N LEU D 73 7.76 26.02 -4.86
CA LEU D 73 8.09 24.92 -3.98
C LEU D 73 8.51 23.75 -4.83
N THR D 74 9.63 23.14 -4.49
CA THR D 74 10.18 22.07 -5.28
C THR D 74 10.35 20.83 -4.45
N ILE D 75 9.95 19.69 -5.01
CA ILE D 75 10.27 18.38 -4.44
C ILE D 75 11.18 17.66 -5.42
N SER D 76 12.43 17.44 -5.01
CA SER D 76 13.48 16.99 -5.93
C SER D 76 13.29 15.52 -6.38
N SER D 77 12.85 14.65 -5.49
CA SER D 77 12.51 13.27 -5.85
C SER D 77 11.33 12.81 -4.99
N LEU D 78 10.17 12.72 -5.63
CA LEU D 78 8.91 12.47 -4.93
C LEU D 78 8.90 11.12 -4.19
N GLN D 79 8.47 11.15 -2.93
CA GLN D 79 8.32 9.97 -2.10
C GLN D 79 6.82 9.77 -1.85
N PRO D 80 6.41 8.55 -1.44
CA PRO D 80 4.97 8.26 -1.34
C PRO D 80 4.22 9.14 -0.34
N GLU D 81 4.90 9.60 0.70
CA GLU D 81 4.27 10.43 1.74
C GLU D 81 4.05 11.86 1.25
N ASP D 82 4.56 12.19 0.07
CA ASP D 82 4.51 13.56 -0.45
C ASP D 82 3.27 13.79 -1.30
N PHE D 83 2.41 12.78 -1.42
CA PHE D 83 1.18 12.96 -2.18
C PHE D 83 0.11 13.63 -1.31
N ALA D 84 0.30 14.92 -1.06
CA ALA D 84 -0.63 15.70 -0.24
C ALA D 84 -0.79 17.12 -0.80
N THR D 85 -1.93 17.75 -0.50
CA THR D 85 -2.21 19.10 -0.96
C THR D 85 -1.23 20.11 -0.37
N TYR D 86 -0.80 21.07 -1.18
CA TYR D 86 0.18 22.07 -0.75
C TYR D 86 -0.40 23.46 -0.85
N TYR D 87 -0.26 24.21 0.22
CA TYR D 87 -0.79 25.57 0.31
C TYR D 87 0.34 26.56 0.55
N CYS D 88 0.30 27.67 -0.17
CA CYS D 88 1.18 28.78 0.12
C CYS D 88 0.40 29.79 0.94
N GLN D 89 1.12 30.57 1.73
CA GLN D 89 0.53 31.59 2.58
C GLN D 89 1.47 32.78 2.64
N GLN D 90 0.92 33.97 2.49
CA GLN D 90 1.69 35.19 2.69
C GLN D 90 1.57 35.66 4.13
N SER D 91 2.70 36.11 4.68
CA SER D 91 2.82 36.59 6.06
C SER D 91 3.31 38.05 6.09
N TYR D 92 3.02 38.79 5.02
CA TYR D 92 3.42 40.18 4.85
C TYR D 92 2.44 41.15 5.51
N SER D 93 1.16 40.93 5.28
CA SER D 93 0.12 41.82 5.80
C SER D 93 -1.16 41.08 6.15
N THR D 94 -1.76 41.34 7.31
CA THR D 94 -3.03 40.68 7.66
C THR D 94 -4.17 41.23 6.79
N PRO D 95 -5.14 40.39 6.40
CA PRO D 95 -5.23 38.95 6.67
C PRO D 95 -4.13 38.11 5.97
N PHE D 96 -3.58 37.14 6.69
CA PHE D 96 -2.50 36.29 6.16
C PHE D 96 -3.08 35.19 5.27
N THR D 97 -3.44 35.56 4.05
CA THR D 97 -4.19 34.70 3.15
C THR D 97 -3.43 33.44 2.70
N PHE D 98 -4.17 32.34 2.64
CA PHE D 98 -3.70 31.11 2.04
C PHE D 98 -4.03 31.09 0.56
N GLY D 99 -3.16 30.51 -0.24
CA GLY D 99 -3.49 30.24 -1.62
C GLY D 99 -4.56 29.16 -1.73
N PRO D 100 -5.06 28.92 -2.95
CA PRO D 100 -6.19 28.01 -3.20
C PRO D 100 -5.83 26.52 -3.03
N GLY D 101 -4.54 26.17 -3.12
CA GLY D 101 -4.09 24.80 -2.94
C GLY D 101 -3.80 24.10 -4.27
N THR D 102 -2.81 23.22 -4.29
CA THR D 102 -2.61 22.34 -5.44
C THR D 102 -2.39 20.93 -4.95
N LYS D 103 -3.17 20.02 -5.53
CA LYS D 103 -3.15 18.62 -5.13
C LYS D 103 -2.16 17.84 -5.97
N VAL D 104 -1.28 17.11 -5.30
CA VAL D 104 -0.34 16.24 -5.97
C VAL D 104 -0.86 14.81 -5.82
N ASP D 105 -1.39 14.26 -6.92
CA ASP D 105 -1.89 12.89 -6.93
C ASP D 105 -0.95 11.97 -7.74
N ILE D 106 -1.28 10.68 -7.79
CA ILE D 106 -0.37 9.68 -8.34
C ILE D 106 -0.67 9.41 -9.81
N LYS D 107 0.38 9.52 -10.64
CA LYS D 107 0.25 9.30 -12.07
C LYS D 107 0.22 7.81 -12.36
N ARG D 108 -0.64 7.40 -13.29
CA ARG D 108 -0.66 6.05 -13.84
C ARG D 108 -1.24 6.07 -15.25
N THR D 109 -1.21 4.93 -15.95
CA THR D 109 -1.74 4.85 -17.32
C THR D 109 -3.23 5.16 -17.29
N VAL D 110 -3.74 5.69 -18.39
CA VAL D 110 -5.16 5.98 -18.52
C VAL D 110 -5.99 4.70 -18.36
N ALA D 111 -7.09 4.81 -17.61
CA ALA D 111 -8.00 3.70 -17.42
C ALA D 111 -9.43 4.17 -17.57
N ALA D 112 -10.16 3.54 -18.48
CA ALA D 112 -11.54 3.90 -18.70
C ALA D 112 -12.39 3.35 -17.57
N PRO D 113 -13.48 4.05 -17.24
CA PRO D 113 -14.38 3.54 -16.20
C PRO D 113 -15.27 2.44 -16.71
N SER D 114 -15.57 1.48 -15.86
CA SER D 114 -16.70 0.60 -16.09
C SER D 114 -17.91 1.41 -15.63
N VAL D 115 -18.94 1.45 -16.47
CA VAL D 115 -20.14 2.21 -16.16
C VAL D 115 -21.31 1.29 -15.84
N PHE D 116 -21.98 1.59 -14.73
CA PHE D 116 -23.16 0.83 -14.31
C PHE D 116 -24.29 1.80 -13.95
N ILE D 117 -25.52 1.41 -14.25
CA ILE D 117 -26.68 2.20 -13.87
C ILE D 117 -27.63 1.38 -13.02
N PHE D 118 -28.26 2.03 -12.05
CA PHE D 118 -29.15 1.39 -11.11
C PHE D 118 -30.45 2.14 -11.08
N PRO D 119 -31.56 1.48 -11.42
CA PRO D 119 -32.82 2.20 -11.28
C PRO D 119 -33.24 2.22 -9.82
N PRO D 120 -34.25 3.03 -9.47
CA PRO D 120 -34.74 3.11 -8.09
C PRO D 120 -35.40 1.81 -7.65
N SER D 121 -35.20 1.44 -6.39
CA SER D 121 -35.90 0.29 -5.81
C SER D 121 -37.38 0.63 -5.65
N ASP D 122 -38.25 -0.38 -5.79
CA ASP D 122 -39.68 -0.19 -5.55
C ASP D 122 -39.89 0.34 -4.12
N GLU D 123 -39.04 -0.11 -3.19
CA GLU D 123 -39.12 0.30 -1.79
C GLU D 123 -38.90 1.81 -1.63
N GLN D 124 -38.00 2.38 -2.42
CA GLN D 124 -37.74 3.81 -2.34
C GLN D 124 -38.94 4.64 -2.82
N LEU D 125 -39.66 4.11 -3.81
CA LEU D 125 -40.78 4.84 -4.41
C LEU D 125 -41.94 5.02 -3.43
N LYS D 126 -42.05 4.11 -2.46
CA LYS D 126 -43.05 4.24 -1.41
C LYS D 126 -42.87 5.53 -0.64
N SER D 127 -41.65 6.08 -0.68
CA SER D 127 -41.32 7.27 0.10
C SER D 127 -41.56 8.55 -0.70
N GLY D 128 -42.05 8.41 -1.93
CA GLY D 128 -42.39 9.55 -2.75
C GLY D 128 -41.20 10.14 -3.52
N THR D 129 -40.01 9.61 -3.27
CA THR D 129 -38.81 10.06 -3.96
C THR D 129 -38.24 8.93 -4.80
N ALA D 130 -37.52 9.31 -5.84
CA ALA D 130 -36.92 8.34 -6.75
C ALA D 130 -35.51 8.80 -7.05
N SER D 131 -34.55 7.98 -6.65
CA SER D 131 -33.15 8.25 -6.91
C SER D 131 -32.57 7.23 -7.90
N VAL D 132 -32.00 7.73 -9.00
CA VAL D 132 -31.32 6.87 -9.94
C VAL D 132 -29.83 7.22 -9.92
N VAL D 133 -29.00 6.18 -9.90
CA VAL D 133 -27.56 6.31 -9.67
C VAL D 133 -26.78 5.80 -10.88
N CYS D 134 -25.78 6.58 -11.27
CA CYS D 134 -24.79 6.18 -12.27
C CYS D 134 -23.46 6.00 -11.56
N LEU D 135 -22.78 4.89 -11.81
CA LEU D 135 -21.51 4.62 -11.16
C LEU D 135 -20.39 4.46 -12.19
N LEU D 136 -19.29 5.17 -11.97
CA LEU D 136 -18.06 5.01 -12.76
C LEU D 136 -17.00 4.36 -11.90
N ASN D 137 -16.55 3.19 -12.28
CA ASN D 137 -15.70 2.44 -11.40
C ASN D 137 -14.26 2.36 -11.87
N ASN D 138 -13.36 2.65 -10.95
CA ASN D 138 -11.95 2.42 -11.15
C ASN D 138 -11.32 3.07 -12.43
N PHE D 139 -11.41 4.39 -12.57
CA PHE D 139 -10.89 5.16 -13.70
C PHE D 139 -9.84 6.23 -13.35
N TYR D 140 -9.01 6.58 -14.33
CA TYR D 140 -8.00 7.59 -14.19
C TYR D 140 -7.76 8.11 -15.58
N PRO D 141 -7.56 9.44 -15.73
CA PRO D 141 -7.47 10.47 -14.71
C PRO D 141 -8.79 10.82 -14.03
N ARG D 142 -8.69 11.68 -13.02
CA ARG D 142 -9.83 12.05 -12.18
C ARG D 142 -10.93 12.73 -12.98
N GLU D 143 -10.53 13.57 -13.93
CA GLU D 143 -11.50 14.35 -14.69
C GLU D 143 -12.45 13.45 -15.47
N ALA D 144 -13.72 13.82 -15.45
CA ALA D 144 -14.79 13.11 -16.14
C ALA D 144 -16.06 13.96 -16.22
N LYS D 145 -16.93 13.66 -17.18
CA LYS D 145 -18.15 14.42 -17.36
C LYS D 145 -19.31 13.45 -17.41
N VAL D 146 -20.31 13.69 -16.56
CA VAL D 146 -21.49 12.86 -16.51
C VAL D 146 -22.71 13.73 -16.73
N GLN D 147 -23.50 13.37 -17.73
CA GLN D 147 -24.76 14.03 -18.03
C GLN D 147 -25.95 13.09 -18.10
N TRP D 148 -27.04 13.49 -17.50
CA TRP D 148 -28.24 12.69 -17.46
C TRP D 148 -29.20 13.17 -18.50
N LYS D 149 -29.81 12.23 -19.20
CA LYS D 149 -30.90 12.51 -20.10
C LYS D 149 -32.07 11.63 -19.76
N VAL D 150 -33.26 12.19 -19.66
CA VAL D 150 -34.47 11.37 -19.58
C VAL D 150 -35.40 11.76 -20.71
N ASP D 151 -35.77 10.76 -21.52
CA ASP D 151 -36.59 11.03 -22.69
C ASP D 151 -35.89 12.01 -23.63
N ASN D 152 -34.58 11.85 -23.76
CA ASN D 152 -33.76 12.69 -24.63
C ASN D 152 -33.75 14.17 -24.24
N ALA D 153 -33.84 14.44 -22.96
CA ALA D 153 -33.75 15.81 -22.45
C ALA D 153 -32.59 15.94 -21.48
N LEU D 154 -31.75 16.96 -21.67
CA LEU D 154 -30.60 17.15 -20.79
C LEU D 154 -31.11 17.76 -19.50
N GLN D 155 -30.73 17.13 -18.39
CA GLN D 155 -31.17 17.57 -17.07
C GLN D 155 -30.08 18.38 -16.41
N SER D 156 -30.48 19.27 -15.50
CA SER D 156 -29.54 20.14 -14.80
C SER D 156 -30.12 20.65 -13.48
N GLY D 157 -29.27 20.71 -12.47
CA GLY D 157 -29.64 21.17 -11.13
C GLY D 157 -30.34 20.14 -10.27
N ASN D 158 -30.43 18.90 -10.77
CA ASN D 158 -31.14 17.83 -10.06
C ASN D 158 -30.28 16.57 -9.90
N SER D 159 -28.95 16.75 -9.96
CA SER D 159 -28.02 15.66 -9.78
C SER D 159 -26.94 16.08 -8.79
N GLN D 160 -26.29 15.10 -8.19
CA GLN D 160 -25.17 15.38 -7.32
C GLN D 160 -24.14 14.29 -7.54
N GLU D 161 -22.89 14.71 -7.62
CA GLU D 161 -21.77 13.83 -7.80
C GLU D 161 -21.00 13.66 -6.49
N SER D 162 -20.40 12.49 -6.31
CA SER D 162 -19.51 12.23 -5.19
C SER D 162 -18.34 11.36 -5.67
N VAL D 163 -17.12 11.65 -5.22
CA VAL D 163 -15.93 10.91 -5.65
C VAL D 163 -15.06 10.45 -4.49
N THR D 164 -14.50 9.26 -4.63
CA THR D 164 -13.57 8.75 -3.64
C THR D 164 -12.20 9.41 -3.74
N GLU D 165 -11.40 9.23 -2.68
CA GLU D 165 -10.00 9.58 -2.73
C GLU D 165 -9.33 8.57 -3.68
N GLN D 166 -8.17 8.92 -4.20
CA GLN D 166 -7.49 8.05 -5.11
C GLN D 166 -7.14 6.74 -4.39
N ASP D 167 -7.45 5.60 -5.02
CA ASP D 167 -7.22 4.31 -4.39
C ASP D 167 -5.73 4.08 -4.13
N SER D 168 -5.41 3.53 -2.97
CA SER D 168 -4.02 3.25 -2.58
C SER D 168 -3.42 2.12 -3.41
N LYS D 169 -4.27 1.14 -3.75
CA LYS D 169 -3.82 -0.08 -4.40
C LYS D 169 -3.59 0.14 -5.90
N ASP D 170 -4.61 0.63 -6.62
CA ASP D 170 -4.51 0.76 -8.09
C ASP D 170 -4.50 2.23 -8.60
N SER D 171 -4.46 3.18 -7.68
CA SER D 171 -4.31 4.61 -8.03
C SER D 171 -5.42 5.12 -8.93
N THR D 172 -6.65 4.67 -8.69
CA THR D 172 -7.79 5.10 -9.48
C THR D 172 -8.82 5.77 -8.63
N TYR D 173 -9.81 6.32 -9.31
CA TYR D 173 -10.93 6.98 -8.69
C TYR D 173 -12.20 6.24 -9.06
N SER D 174 -13.23 6.42 -8.25
CA SER D 174 -14.56 5.97 -8.60
C SER D 174 -15.52 7.10 -8.25
N LEU D 175 -16.63 7.17 -8.97
CA LEU D 175 -17.53 8.30 -8.89
C LEU D 175 -18.97 7.83 -8.99
N SER D 176 -19.84 8.46 -8.20
CA SER D 176 -21.28 8.22 -8.25
C SER D 176 -22.01 9.50 -8.64
N SER D 177 -22.98 9.40 -9.55
CA SER D 177 -23.83 10.54 -9.87
C SER D 177 -25.26 10.15 -9.56
N THR D 178 -25.96 11.01 -8.84
CA THR D 178 -27.27 10.65 -8.32
C THR D 178 -28.28 11.67 -8.76
N LEU D 179 -29.18 11.23 -9.63
CA LEU D 179 -30.28 12.06 -10.09
C LEU D 179 -31.50 11.84 -9.19
N THR D 180 -32.00 12.92 -8.60
CA THR D 180 -33.14 12.86 -7.69
C THR D 180 -34.39 13.46 -8.33
N LEU D 181 -35.51 12.74 -8.28
CA LEU D 181 -36.74 13.17 -8.94
C LEU D 181 -38.01 12.82 -8.14
N SER D 182 -39.09 13.56 -8.38
CA SER D 182 -40.38 13.26 -7.75
C SER D 182 -40.87 11.92 -8.28
N LYS D 183 -41.66 11.21 -7.47
CA LYS D 183 -42.15 9.91 -7.86
C LYS D 183 -43.02 10.01 -9.11
N ALA D 184 -43.69 11.15 -9.26
CA ALA D 184 -44.57 11.38 -10.40
C ALA D 184 -43.78 11.59 -11.68
N ASP D 185 -42.82 12.51 -11.64
CA ASP D 185 -41.98 12.79 -12.80
C ASP D 185 -41.27 11.51 -13.24
N TYR D 186 -40.99 10.61 -12.30
CA TYR D 186 -40.30 9.37 -12.63
C TYR D 186 -41.13 8.43 -13.51
N GLU D 187 -42.38 8.22 -13.12
CA GLU D 187 -43.30 7.40 -13.91
C GLU D 187 -43.73 8.16 -15.19
N LYS D 188 -43.75 9.49 -15.09
CA LYS D 188 -44.14 10.37 -16.22
C LYS D 188 -43.27 10.17 -17.46
N HIS D 189 -41.96 10.06 -17.27
CA HIS D 189 -41.02 9.94 -18.37
C HIS D 189 -40.65 8.44 -18.48
N LYS D 190 -39.94 8.03 -19.52
CA LYS D 190 -39.80 6.60 -19.83
C LYS D 190 -38.37 6.06 -19.90
N VAL D 191 -37.51 6.76 -20.62
CA VAL D 191 -36.16 6.29 -20.85
C VAL D 191 -35.21 7.14 -20.03
N TYR D 192 -34.33 6.47 -19.29
CA TYR D 192 -33.35 7.13 -18.46
C TYR D 192 -31.96 6.68 -18.84
N ALA D 193 -31.06 7.64 -19.05
CA ALA D 193 -29.70 7.37 -19.46
C ALA D 193 -28.72 8.29 -18.76
N CYS D 194 -27.51 7.79 -18.53
CA CYS D 194 -26.39 8.65 -18.14
C CYS D 194 -25.31 8.53 -19.22
N GLU D 195 -24.84 9.68 -19.70
CA GLU D 195 -23.83 9.73 -20.75
C GLU D 195 -22.51 10.12 -20.08
N VAL D 196 -21.49 9.30 -20.30
CA VAL D 196 -20.22 9.47 -19.64
C VAL D 196 -19.13 9.81 -20.65
N THR D 197 -18.39 10.88 -20.38
CA THR D 197 -17.29 11.30 -21.22
C THR D 197 -16.02 11.30 -20.37
N HIS D 198 -14.99 10.64 -20.87
CA HIS D 198 -13.73 10.50 -20.14
C HIS D 198 -12.60 10.29 -21.14
N GLN D 199 -11.41 10.78 -20.77
CA GLN D 199 -10.21 10.68 -21.61
C GLN D 199 -9.92 9.27 -22.13
N GLY D 200 -10.10 8.27 -21.27
CA GLY D 200 -9.85 6.89 -21.64
C GLY D 200 -10.98 6.25 -22.45
N LEU D 201 -11.96 7.06 -22.84
CA LEU D 201 -13.01 6.61 -23.75
C LEU D 201 -12.84 7.31 -25.09
N SER D 202 -12.73 6.51 -26.13
CA SER D 202 -12.56 7.00 -27.49
C SER D 202 -13.82 7.73 -27.93
N SER D 203 -14.94 7.34 -27.32
CA SER D 203 -16.25 7.87 -27.67
C SER D 203 -17.08 7.99 -26.39
N PRO D 204 -17.81 9.12 -26.20
CA PRO D 204 -18.73 9.18 -25.06
C PRO D 204 -19.66 7.97 -25.00
N VAL D 205 -19.75 7.37 -23.82
CA VAL D 205 -20.46 6.12 -23.60
C VAL D 205 -21.78 6.40 -22.91
N THR D 206 -22.79 5.61 -23.24
CA THR D 206 -24.10 5.79 -22.63
C THR D 206 -24.62 4.46 -22.10
N LYS D 207 -25.12 4.50 -20.87
CA LYS D 207 -25.84 3.38 -20.29
C LYS D 207 -27.22 3.88 -19.89
N SER D 208 -28.24 3.05 -20.13
CA SER D 208 -29.62 3.47 -19.96
C SER D 208 -30.56 2.33 -19.62
N PHE D 209 -31.77 2.68 -19.19
CA PHE D 209 -32.82 1.70 -18.95
C PHE D 209 -34.18 2.28 -19.28
N ASN D 210 -35.08 1.40 -19.71
CA ASN D 210 -36.48 1.76 -19.91
C ASN D 210 -37.24 1.37 -18.65
N ARG D 211 -38.08 2.26 -18.15
CA ARG D 211 -38.84 1.99 -16.94
C ARG D 211 -39.83 0.83 -17.16
N GLY D 212 -39.70 -0.23 -16.37
CA GLY D 212 -40.54 -1.40 -16.51
C GLY D 212 -39.74 -2.65 -16.84
ZN ZN E . -11.26 -37.84 -11.89
ZN ZN F . 8.78 33.87 21.06
ZN ZN G . -26.25 21.74 21.17
ZN ZN H . 15.12 2.32 3.80
ZN ZN I . 6.45 -26.47 -34.80
ZN ZN J . 43.99 -12.70 4.45
ZN ZN K . -13.72 -0.84 -7.91
#